data_6NNZ
#
_entry.id   6NNZ
#
_cell.length_a   55.610
_cell.length_b   108.350
_cell.length_c   153.750
_cell.angle_alpha   90.000
_cell.angle_beta   90.000
_cell.angle_gamma   90.000
#
_symmetry.space_group_name_H-M   'P 21 21 21'
#
loop_
_entity.id
_entity.type
_entity.pdbx_description
1 polymer 'ATP-dependent dethiobiotin synthetase BioD'
2 non-polymer '[(1S,2R)-2-(benzenecarbonyl)cyclopentyl]acetic acid'
3 non-polymer '[(1R,2S)-2-(benzenecarbonyl)cyclopentyl]acetic acid'
4 non-polymer 'SULFATE ION'
5 water water
#
_entity_poly.entity_id   1
_entity_poly.type   'polypeptide(L)'
_entity_poly.pdbx_seq_one_letter_code
;HHHHHHGGTILVVTGTGTGVGKTVVCAALASAARQAGIDVAVCKPVQTGTARGDDDLAEVGRLAGVTQLAGLARYPQPMA
PAAAAEHAGMALPARDQIVRLIADLDRPGRLTLVEGAGGLLVELAEPGVTLRDVAVDVAAAALVVVTADLGTLNHTKLTL
EALAAQQVSCAGLVIGSWPDPPGLVAASNRSALARIAMVRAALPAGAASLDAGDFAAMSAAAFDRNWVAGLVG
;
_entity_poly.pdbx_strand_id   A,B,C,D
#
loop_
_chem_comp.id
_chem_comp.type
_chem_comp.name
_chem_comp.formula
KUD non-polymer '[(1S,2R)-2-(benzenecarbonyl)cyclopentyl]acetic acid' 'C14 H16 O3'
KUG non-polymer '[(1R,2S)-2-(benzenecarbonyl)cyclopentyl]acetic acid' 'C14 H16 O3'
SO4 non-polymer 'SULFATE ION' 'O4 S -2'
#
# COMPACT_ATOMS: atom_id res chain seq x y z
N GLY A 7 0.03 -23.10 -8.61
CA GLY A 7 1.47 -23.05 -8.43
C GLY A 7 1.95 -22.83 -7.00
N GLY A 8 3.13 -22.24 -6.89
CA GLY A 8 3.75 -21.85 -5.63
C GLY A 8 3.93 -20.34 -5.45
N THR A 9 5.07 -19.92 -4.90
CA THR A 9 5.41 -18.51 -4.83
C THR A 9 6.61 -18.15 -5.67
N ILE A 10 6.43 -17.09 -6.47
CA ILE A 10 7.46 -16.48 -7.30
C ILE A 10 7.76 -15.10 -6.73
N LEU A 11 9.06 -14.85 -6.47
CA LEU A 11 9.61 -13.54 -6.19
C LEU A 11 10.63 -13.18 -7.26
N VAL A 12 10.47 -12.02 -7.89
CA VAL A 12 11.60 -11.43 -8.59
C VAL A 12 12.50 -10.70 -7.58
N VAL A 13 13.80 -10.89 -7.75
CA VAL A 13 14.76 -10.25 -6.87
C VAL A 13 15.46 -9.21 -7.71
N THR A 14 15.02 -7.96 -7.58
CA THR A 14 15.54 -6.83 -8.35
C THR A 14 16.37 -5.96 -7.42
N GLY A 15 16.81 -4.82 -7.95
CA GLY A 15 17.62 -3.89 -7.20
C GLY A 15 17.54 -2.47 -7.75
N THR A 16 18.00 -1.53 -6.92
CA THR A 16 18.07 -0.14 -7.33
C THR A 16 19.13 0.12 -8.37
N GLY A 17 20.01 -0.84 -8.64
CA GLY A 17 20.99 -0.67 -9.69
C GLY A 17 21.84 -1.91 -9.82
N THR A 18 22.95 -1.74 -10.56
CA THR A 18 23.94 -2.79 -10.71
C THR A 18 24.99 -2.77 -9.60
N GLY A 19 25.40 -3.95 -9.15
CA GLY A 19 26.43 -4.06 -8.11
C GLY A 19 25.94 -3.88 -6.68
N VAL A 20 24.64 -4.00 -6.44
CA VAL A 20 24.09 -3.71 -5.12
C VAL A 20 23.95 -4.94 -4.24
N GLY A 21 24.21 -6.13 -4.76
CA GLY A 21 24.09 -7.35 -3.98
C GLY A 21 22.93 -8.27 -4.36
N LYS A 22 22.41 -8.17 -5.58
CA LYS A 22 21.26 -9.00 -5.96
C LYS A 22 21.57 -10.48 -5.84
N THR A 23 22.70 -10.92 -6.41
CA THR A 23 23.05 -12.34 -6.40
C THR A 23 23.24 -12.91 -5.00
N VAL A 24 24.01 -12.24 -4.14
CA VAL A 24 24.24 -12.77 -2.79
C VAL A 24 22.96 -12.82 -1.96
N VAL A 25 22.03 -11.89 -2.18
CA VAL A 25 20.78 -11.93 -1.45
C VAL A 25 19.92 -13.10 -1.89
N CYS A 26 19.87 -13.39 -3.20
CA CYS A 26 19.18 -14.59 -3.67
C CYS A 26 19.64 -15.80 -2.90
N ALA A 27 20.95 -15.97 -2.84
CA ALA A 27 21.54 -17.08 -2.10
C ALA A 27 21.14 -17.06 -0.64
N ALA A 28 21.17 -15.89 -0.01
CA ALA A 28 20.86 -15.83 1.42
C ALA A 28 19.40 -16.18 1.68
N LEU A 29 18.50 -15.67 0.86
CA LEU A 29 17.10 -16.00 1.04
C LEU A 29 16.86 -17.46 0.67
N ALA A 30 17.55 -17.93 -0.38
CA ALA A 30 17.53 -19.33 -0.76
C ALA A 30 18.02 -20.20 0.38
N SER A 31 19.15 -19.83 1.00
CA SER A 31 19.65 -20.62 2.14
C SER A 31 18.66 -20.62 3.27
N ALA A 32 18.11 -19.45 3.60
CA ALA A 32 17.16 -19.33 4.70
C ALA A 32 15.89 -20.12 4.38
N ALA A 33 15.44 -20.08 3.13
CA ALA A 33 14.21 -20.77 2.81
C ALA A 33 14.41 -22.27 2.86
N ARG A 34 15.58 -22.76 2.44
CA ARG A 34 15.77 -24.20 2.59
C ARG A 34 15.78 -24.61 4.06
N GLN A 35 16.46 -23.84 4.92
CA GLN A 35 16.51 -24.20 6.33
C GLN A 35 15.15 -24.05 6.96
N ALA A 36 14.25 -23.36 6.28
CA ALA A 36 12.86 -23.36 6.68
C ALA A 36 12.14 -24.55 6.06
N GLY A 37 12.86 -25.45 5.37
CA GLY A 37 12.25 -26.60 4.72
C GLY A 37 11.58 -26.37 3.38
N ILE A 38 11.76 -25.22 2.78
CA ILE A 38 11.15 -24.87 1.52
C ILE A 38 12.01 -25.30 0.34
N ASP A 39 11.34 -25.83 -0.67
CA ASP A 39 12.01 -26.16 -1.92
C ASP A 39 12.22 -24.87 -2.66
N VAL A 40 13.44 -24.66 -3.16
CA VAL A 40 13.82 -23.39 -3.74
C VAL A 40 14.39 -23.67 -5.11
N ALA A 41 13.88 -22.95 -6.10
CA ALA A 41 14.52 -22.86 -7.40
C ALA A 41 14.95 -21.42 -7.62
N VAL A 42 16.09 -21.24 -8.25
CA VAL A 42 16.56 -19.92 -8.64
C VAL A 42 16.73 -19.88 -10.15
N CYS A 43 16.20 -18.81 -10.74
CA CYS A 43 16.15 -18.57 -12.18
C CYS A 43 16.83 -17.24 -12.51
N LYS A 44 17.66 -17.25 -13.55
CA LYS A 44 18.43 -16.10 -14.00
C LYS A 44 18.20 -16.03 -15.51
N PRO A 45 17.12 -15.37 -15.93
CA PRO A 45 16.78 -15.43 -17.36
C PRO A 45 17.80 -14.76 -18.26
N VAL A 46 18.37 -13.62 -17.86
CA VAL A 46 19.38 -12.95 -18.67
C VAL A 46 20.68 -12.79 -17.89
N GLN A 47 21.75 -13.35 -18.42
CA GLN A 47 23.07 -13.31 -17.80
C GLN A 47 24.10 -12.77 -18.79
N THR A 48 24.73 -11.64 -18.44
CA THR A 48 25.79 -11.00 -19.22
C THR A 48 27.15 -11.19 -18.52
N GLY A 49 28.21 -10.82 -19.22
CA GLY A 49 29.57 -10.90 -18.70
C GLY A 49 30.17 -12.28 -18.58
N THR A 50 29.72 -13.23 -19.41
CA THR A 50 30.28 -14.57 -19.29
C THR A 50 31.74 -14.58 -19.67
N ALA A 51 32.12 -13.79 -20.68
CA ALA A 51 33.52 -13.67 -21.09
C ALA A 51 34.42 -13.17 -19.96
N ARG A 52 33.86 -12.61 -18.91
CA ARG A 52 34.61 -12.27 -17.71
C ARG A 52 34.41 -13.32 -16.63
N GLY A 53 33.76 -14.42 -16.96
CA GLY A 53 33.54 -15.42 -15.95
C GLY A 53 32.38 -15.16 -15.04
N ASP A 54 31.52 -14.17 -15.34
CA ASP A 54 30.29 -14.00 -14.55
C ASP A 54 29.30 -15.15 -14.73
N ASP A 55 28.97 -15.81 -13.61
CA ASP A 55 27.93 -16.83 -13.63
C ASP A 55 27.24 -16.76 -12.26
N ASP A 56 26.16 -16.00 -12.22
CA ASP A 56 25.46 -15.75 -10.97
C ASP A 56 24.74 -16.98 -10.44
N LEU A 57 24.13 -17.77 -11.35
CA LEU A 57 23.47 -19.01 -10.94
C LEU A 57 24.42 -19.94 -10.24
N ALA A 58 25.59 -20.13 -10.84
CA ALA A 58 26.61 -20.99 -10.26
C ALA A 58 26.99 -20.45 -8.89
N GLU A 59 27.02 -19.12 -8.75
CA GLU A 59 27.43 -18.52 -7.48
C GLU A 59 26.37 -18.78 -6.41
N VAL A 60 25.09 -18.69 -6.75
CA VAL A 60 24.03 -19.12 -5.83
C VAL A 60 24.18 -20.56 -5.36
N GLY A 61 24.51 -21.47 -6.28
CA GLY A 61 24.70 -22.86 -5.86
C GLY A 61 25.87 -22.99 -4.90
N ARG A 62 26.92 -22.21 -5.14
CA ARG A 62 28.12 -22.29 -4.32
C ARG A 62 27.87 -21.77 -2.91
N LEU A 63 27.12 -20.67 -2.80
CA LEU A 63 26.86 -20.07 -1.50
C LEU A 63 25.73 -20.74 -0.75
N ALA A 64 24.71 -21.22 -1.47
CA ALA A 64 23.49 -21.65 -0.83
C ALA A 64 23.25 -23.15 -0.94
N GLY A 65 24.02 -23.85 -1.77
CA GLY A 65 23.72 -25.25 -2.01
C GLY A 65 22.49 -25.50 -2.86
N VAL A 66 21.88 -24.46 -3.44
CA VAL A 66 20.74 -24.63 -4.35
C VAL A 66 21.14 -25.51 -5.54
N THR A 67 20.35 -26.56 -5.81
CA THR A 67 20.63 -27.40 -6.98
C THR A 67 19.72 -27.15 -8.15
N GLN A 68 18.60 -26.50 -7.91
CA GLN A 68 17.55 -26.22 -8.89
C GLN A 68 17.78 -24.83 -9.47
N LEU A 69 18.72 -24.77 -10.44
CA LEU A 69 19.16 -23.59 -11.17
C LEU A 69 18.74 -23.62 -12.63
N ALA A 70 18.06 -22.56 -13.09
CA ALA A 70 17.57 -22.45 -14.46
C ALA A 70 18.06 -21.17 -15.11
N GLY A 71 18.85 -21.27 -16.19
CA GLY A 71 19.20 -20.12 -16.98
C GLY A 71 18.47 -20.13 -18.31
N LEU A 72 18.79 -19.13 -19.13
CA LEU A 72 18.18 -19.05 -20.45
C LEU A 72 19.09 -18.34 -21.43
N ALA A 73 19.36 -17.06 -21.17
CA ALA A 73 20.17 -16.27 -22.08
C ALA A 73 21.51 -15.93 -21.44
N ARG A 74 22.56 -16.02 -22.26
CA ARG A 74 23.91 -15.79 -21.81
C ARG A 74 24.66 -14.99 -22.87
N TYR A 75 25.24 -13.84 -22.46
CA TYR A 75 25.99 -12.94 -23.33
C TYR A 75 27.39 -12.67 -22.81
N PRO A 76 28.38 -12.57 -23.71
CA PRO A 76 29.77 -12.48 -23.25
C PRO A 76 30.18 -11.19 -22.58
N GLN A 77 29.84 -10.03 -23.15
CA GLN A 77 30.29 -8.74 -22.62
C GLN A 77 29.61 -8.41 -21.30
N PRO A 78 30.31 -7.74 -20.39
CA PRO A 78 29.74 -7.24 -19.12
C PRO A 78 29.08 -5.88 -19.33
N MET A 79 27.94 -5.90 -20.02
CA MET A 79 27.15 -4.73 -20.37
C MET A 79 25.71 -5.06 -20.05
N ALA A 80 24.85 -4.07 -20.20
CA ALA A 80 23.41 -4.26 -20.21
C ALA A 80 23.08 -5.35 -21.22
N PRO A 81 22.08 -6.19 -20.93
CA PRO A 81 21.73 -7.26 -21.89
C PRO A 81 21.55 -6.81 -23.32
N ALA A 82 20.86 -5.68 -23.55
CA ALA A 82 20.70 -5.19 -24.92
C ALA A 82 22.06 -4.97 -25.57
N ALA A 83 22.99 -4.35 -24.84
CA ALA A 83 24.29 -4.03 -25.40
C ALA A 83 25.15 -5.30 -25.54
N ALA A 84 25.13 -6.18 -24.55
CA ALA A 84 25.92 -7.40 -24.67
C ALA A 84 25.44 -8.24 -25.85
N ALA A 85 24.13 -8.28 -26.06
CA ALA A 85 23.57 -8.98 -27.22
C ALA A 85 23.93 -8.28 -28.52
N GLU A 86 23.83 -6.96 -28.55
CA GLU A 86 24.13 -6.25 -29.80
C GLU A 86 25.59 -6.47 -30.19
N HIS A 87 26.46 -6.57 -29.19
CA HIS A 87 27.88 -6.74 -29.45
C HIS A 87 28.23 -8.18 -29.85
N ALA A 88 27.36 -9.14 -29.52
CA ALA A 88 27.60 -10.53 -29.86
C ALA A 88 26.95 -10.96 -31.15
N GLY A 89 26.14 -10.11 -31.78
CA GLY A 89 25.39 -10.55 -32.94
C GLY A 89 24.22 -11.44 -32.61
N MET A 90 23.80 -11.44 -31.34
CA MET A 90 22.75 -12.29 -30.85
C MET A 90 21.51 -11.45 -30.58
N ALA A 91 20.44 -12.11 -30.17
CA ALA A 91 19.18 -11.45 -29.86
C ALA A 91 18.84 -11.62 -28.40
N LEU A 92 17.97 -10.74 -27.91
CA LEU A 92 17.42 -10.92 -26.59
C LEU A 92 16.41 -12.06 -26.64
N PRO A 93 16.20 -12.73 -25.50
CA PRO A 93 15.13 -13.73 -25.45
C PRO A 93 13.79 -13.05 -25.69
N ALA A 94 12.79 -13.87 -25.98
CA ALA A 94 11.47 -13.30 -26.08
C ALA A 94 10.83 -13.21 -24.71
N ARG A 95 9.82 -12.37 -24.61
CA ARG A 95 9.11 -12.21 -23.36
C ARG A 95 8.53 -13.54 -22.87
N ASP A 96 7.82 -14.25 -23.75
CA ASP A 96 7.22 -15.54 -23.37
C ASP A 96 8.27 -16.62 -23.07
N GLN A 97 9.44 -16.52 -23.66
CA GLN A 97 10.51 -17.45 -23.29
C GLN A 97 10.86 -17.33 -21.82
N ILE A 98 10.87 -16.09 -21.29
CA ILE A 98 11.19 -15.86 -19.89
C ILE A 98 10.06 -16.32 -18.99
N VAL A 99 8.84 -15.90 -19.30
CA VAL A 99 7.67 -16.26 -18.51
C VAL A 99 7.55 -17.77 -18.44
N ARG A 100 7.82 -18.43 -19.56
CA ARG A 100 7.81 -19.89 -19.62
C ARG A 100 8.92 -20.51 -18.76
N LEU A 101 10.13 -19.97 -18.83
CA LEU A 101 11.22 -20.51 -18.01
C LEU A 101 10.80 -20.51 -16.55
N ILE A 102 10.12 -19.45 -16.13
CA ILE A 102 9.70 -19.32 -14.75
C ILE A 102 8.56 -20.28 -14.46
N ALA A 103 7.55 -20.33 -15.33
CA ALA A 103 6.41 -21.21 -15.11
C ALA A 103 6.82 -22.67 -15.01
N ASP A 104 7.85 -23.10 -15.76
CA ASP A 104 8.27 -24.48 -15.69
C ASP A 104 8.90 -24.84 -14.34
N LEU A 105 9.47 -23.84 -13.64
CA LEU A 105 10.01 -24.06 -12.30
C LEU A 105 8.91 -23.99 -11.25
N ASP A 106 7.91 -23.15 -11.49
CA ASP A 106 6.88 -22.88 -10.51
C ASP A 106 6.12 -24.14 -10.18
N ARG A 107 5.93 -24.43 -8.90
CA ARG A 107 5.14 -25.57 -8.48
C ARG A 107 4.68 -25.35 -7.03
N PRO A 108 3.63 -26.04 -6.59
CA PRO A 108 3.12 -25.82 -5.22
C PRO A 108 4.15 -26.10 -4.13
N GLY A 109 4.24 -25.19 -3.17
CA GLY A 109 5.20 -25.39 -2.10
C GLY A 109 6.62 -24.97 -2.43
N ARG A 110 6.91 -24.61 -3.66
CA ARG A 110 8.25 -24.24 -4.06
C ARG A 110 8.35 -22.72 -4.07
N LEU A 111 9.47 -22.21 -3.57
CA LEU A 111 9.77 -20.80 -3.69
C LEU A 111 10.72 -20.65 -4.86
N THR A 112 10.30 -19.90 -5.86
CA THR A 112 11.06 -19.70 -7.09
C THR A 112 11.52 -18.24 -7.15
N LEU A 113 12.82 -18.03 -6.96
CA LEU A 113 13.42 -16.70 -7.05
C LEU A 113 13.91 -16.47 -8.47
N VAL A 114 13.62 -15.27 -9.00
CA VAL A 114 13.93 -14.88 -10.37
C VAL A 114 14.83 -13.68 -10.22
N GLU A 115 16.13 -13.86 -10.48
CA GLU A 115 17.08 -12.77 -10.35
C GLU A 115 17.22 -11.99 -11.65
N GLY A 116 17.10 -10.65 -11.58
CA GLY A 116 17.18 -9.87 -12.79
C GLY A 116 18.62 -9.51 -13.09
N ALA A 117 18.78 -8.71 -14.15
CA ALA A 117 20.03 -8.13 -14.62
C ALA A 117 20.08 -6.64 -14.36
N GLY A 118 20.83 -6.22 -13.37
CA GLY A 118 20.91 -4.81 -13.11
C GLY A 118 19.67 -4.32 -12.39
N GLY A 119 19.22 -3.13 -12.75
CA GLY A 119 18.06 -2.54 -12.12
C GLY A 119 16.73 -2.89 -12.75
N LEU A 120 15.69 -2.43 -12.04
CA LEU A 120 14.35 -2.95 -12.24
C LEU A 120 13.91 -2.72 -13.67
N LEU A 121 14.35 -1.60 -14.27
CA LEU A 121 13.83 -1.19 -15.56
C LEU A 121 14.74 -1.57 -16.73
N VAL A 122 15.75 -2.42 -16.49
CA VAL A 122 16.59 -2.91 -17.58
C VAL A 122 15.79 -3.76 -18.55
N GLU A 123 16.05 -3.57 -19.84
CA GLU A 123 15.40 -4.34 -20.89
C GLU A 123 15.94 -5.77 -20.87
N LEU A 124 15.03 -6.74 -20.72
CA LEU A 124 15.38 -8.15 -20.74
C LEU A 124 14.96 -8.81 -22.04
N ALA A 125 13.92 -8.29 -22.68
CA ALA A 125 13.42 -8.85 -23.93
C ALA A 125 12.93 -7.70 -24.81
N GLU A 126 12.90 -7.95 -26.11
CA GLU A 126 12.51 -6.92 -27.07
C GLU A 126 10.99 -6.83 -27.21
N PRO A 127 10.42 -5.62 -27.28
CA PRO A 127 10.97 -4.26 -27.14
C PRO A 127 10.66 -3.64 -25.76
N GLY A 128 11.73 -3.37 -25.00
CA GLY A 128 11.60 -2.78 -23.68
C GLY A 128 10.86 -3.61 -22.65
N VAL A 129 10.93 -4.93 -22.74
CA VAL A 129 10.33 -5.78 -21.73
C VAL A 129 11.30 -5.83 -20.56
N THR A 130 10.80 -5.55 -19.36
CA THR A 130 11.61 -5.52 -18.16
C THR A 130 11.23 -6.62 -17.19
N LEU A 131 12.03 -6.72 -16.12
CA LEU A 131 11.69 -7.59 -15.01
C LEU A 131 10.39 -7.16 -14.36
N ARG A 132 10.02 -5.88 -14.46
CA ARG A 132 8.71 -5.46 -13.95
C ARG A 132 7.59 -6.11 -14.76
N ASP A 133 7.70 -6.10 -16.09
CA ASP A 133 6.76 -6.77 -16.99
C ASP A 133 6.70 -8.26 -16.70
N VAL A 134 7.86 -8.88 -16.51
CA VAL A 134 7.92 -10.30 -16.19
C VAL A 134 7.16 -10.56 -14.89
N ALA A 135 7.32 -9.66 -13.92
CA ALA A 135 6.65 -9.79 -12.64
C ALA A 135 5.13 -9.71 -12.79
N VAL A 136 4.65 -8.81 -13.65
CA VAL A 136 3.21 -8.71 -13.84
C VAL A 136 2.68 -9.99 -14.46
N ASP A 137 3.42 -10.54 -15.44
CA ASP A 137 2.96 -11.70 -16.19
C ASP A 137 2.82 -12.93 -15.30
N VAL A 138 3.77 -13.15 -14.40
CA VAL A 138 3.80 -14.33 -13.54
C VAL A 138 3.24 -14.04 -12.16
N ALA A 139 2.60 -12.87 -11.98
CA ALA A 139 2.03 -12.45 -10.69
C ALA A 139 3.06 -12.46 -9.55
N ALA A 140 4.29 -12.07 -9.81
CA ALA A 140 5.29 -12.10 -8.74
C ALA A 140 5.31 -10.78 -7.98
N ALA A 141 5.78 -10.85 -6.75
CA ALA A 141 6.15 -9.69 -5.97
C ALA A 141 7.63 -9.42 -6.18
N ALA A 142 8.04 -8.20 -5.87
CA ALA A 142 9.42 -7.81 -6.06
C ALA A 142 10.10 -7.61 -4.73
N LEU A 143 11.22 -8.29 -4.53
CA LEU A 143 12.12 -8.04 -3.41
C LEU A 143 13.27 -7.18 -3.94
N VAL A 144 13.45 -5.99 -3.33
CA VAL A 144 14.37 -4.95 -3.80
C VAL A 144 15.65 -4.89 -2.99
N VAL A 145 16.78 -5.15 -3.64
CA VAL A 145 18.10 -5.01 -2.99
C VAL A 145 18.60 -3.57 -3.15
N VAL A 146 19.03 -2.97 -2.03
CA VAL A 146 19.47 -1.58 -1.95
C VAL A 146 20.83 -1.49 -1.26
N THR A 147 21.48 -0.34 -1.43
CA THR A 147 22.69 -0.05 -0.68
C THR A 147 22.35 0.77 0.57
N ALA A 148 23.37 0.95 1.39
CA ALA A 148 23.35 1.82 2.54
C ALA A 148 24.06 3.12 2.24
N ASP A 149 24.46 3.33 0.98
CA ASP A 149 25.31 4.43 0.57
C ASP A 149 24.50 5.68 0.28
N LEU A 150 25.22 6.79 0.25
CA LEU A 150 24.61 8.07 -0.05
C LEU A 150 23.91 7.97 -1.40
N GLY A 151 22.65 8.39 -1.45
CA GLY A 151 21.91 8.23 -2.67
C GLY A 151 20.89 7.11 -2.70
N THR A 152 20.88 6.20 -1.71
CA THR A 152 20.06 4.99 -1.80
C THR A 152 18.57 5.25 -1.61
N LEU A 153 18.21 6.29 -0.85
CA LEU A 153 16.82 6.60 -0.55
C LEU A 153 16.09 6.97 -1.82
N ASN A 154 16.71 7.83 -2.63
CA ASN A 154 16.14 8.26 -3.89
C ASN A 154 15.94 7.07 -4.85
N HIS A 155 17.00 6.29 -5.07
CA HIS A 155 16.93 5.13 -5.94
C HIS A 155 15.86 4.15 -5.47
N THR A 156 15.83 3.90 -4.16
CA THR A 156 14.84 3.03 -3.56
C THR A 156 13.42 3.54 -3.79
N LYS A 157 13.18 4.82 -3.53
CA LYS A 157 11.85 5.40 -3.69
C LYS A 157 11.40 5.35 -5.14
N LEU A 158 12.32 5.67 -6.06
CA LEU A 158 12.07 5.55 -7.50
C LEU A 158 11.69 4.11 -7.90
N THR A 159 12.41 3.12 -7.36
CA THR A 159 12.14 1.73 -7.72
C THR A 159 10.76 1.33 -7.23
N LEU A 160 10.45 1.66 -5.96
CA LEU A 160 9.12 1.38 -5.45
C LEU A 160 8.01 2.06 -6.25
N GLU A 161 8.18 3.32 -6.59
N GLU A 161 8.17 3.32 -6.61
CA GLU A 161 7.16 3.98 -7.41
CA GLU A 161 7.11 3.95 -7.39
C GLU A 161 6.96 3.23 -8.72
C GLU A 161 6.95 3.27 -8.76
N ALA A 162 8.05 2.78 -9.34
CA ALA A 162 7.93 2.08 -10.61
C ALA A 162 7.17 0.78 -10.41
N LEU A 163 7.34 0.15 -9.24
CA LEU A 163 6.62 -1.07 -8.89
C LEU A 163 5.13 -0.81 -8.70
N ALA A 164 4.77 0.25 -7.97
CA ALA A 164 3.35 0.52 -7.72
C ALA A 164 2.65 0.99 -8.98
N ALA A 165 3.39 1.56 -9.93
CA ALA A 165 2.81 1.99 -11.19
C ALA A 165 2.18 0.84 -11.98
N GLN A 166 2.69 -0.38 -11.84
CA GLN A 166 2.10 -1.51 -12.54
C GLN A 166 1.52 -2.53 -11.57
N GLN A 167 1.19 -2.07 -10.37
CA GLN A 167 0.59 -2.89 -9.33
C GLN A 167 1.37 -4.17 -9.08
N VAL A 168 2.69 -4.04 -8.98
CA VAL A 168 3.58 -5.12 -8.60
C VAL A 168 3.94 -4.94 -7.13
N SER A 169 3.54 -5.89 -6.30
CA SER A 169 3.68 -5.74 -4.87
C SER A 169 5.16 -5.76 -4.48
N CYS A 170 5.48 -5.06 -3.40
CA CYS A 170 6.85 -4.98 -2.93
C CYS A 170 6.98 -5.88 -1.71
N ALA A 171 7.83 -6.90 -1.82
CA ALA A 171 8.02 -7.79 -0.70
C ALA A 171 8.98 -7.24 0.33
N GLY A 172 9.58 -6.08 0.11
CA GLY A 172 10.49 -5.55 1.09
C GLY A 172 11.83 -5.21 0.50
N LEU A 173 12.68 -4.66 1.36
CA LEU A 173 14.03 -4.32 0.99
C LEU A 173 14.99 -5.29 1.66
N VAL A 174 16.16 -5.44 1.03
CA VAL A 174 17.31 -6.10 1.63
C VAL A 174 18.50 -5.19 1.34
N ILE A 175 19.19 -4.75 2.38
CA ILE A 175 20.45 -4.05 2.20
C ILE A 175 21.51 -5.07 1.83
N GLY A 176 21.99 -5.02 0.61
CA GLY A 176 22.90 -6.06 0.16
C GLY A 176 24.16 -6.16 1.01
N SER A 177 24.78 -5.03 1.35
CA SER A 177 26.04 -5.08 2.10
C SER A 177 26.00 -4.08 3.24
N TRP A 178 26.10 -4.58 4.47
CA TRP A 178 25.97 -3.70 5.63
C TRP A 178 27.28 -3.65 6.41
N PRO A 179 27.95 -2.50 6.48
CA PRO A 179 29.26 -2.45 7.12
C PRO A 179 29.14 -2.49 8.64
N ASP A 180 30.17 -3.05 9.27
CA ASP A 180 30.27 -3.19 10.73
C ASP A 180 31.59 -2.59 11.16
N PRO A 181 31.59 -1.46 11.91
CA PRO A 181 30.44 -0.69 12.37
C PRO A 181 29.93 0.23 11.26
N PRO A 182 28.68 0.67 11.35
CA PRO A 182 28.21 1.59 10.33
C PRO A 182 28.67 3.00 10.62
N GLY A 183 28.24 3.94 9.79
CA GLY A 183 28.57 5.32 10.04
C GLY A 183 27.31 6.14 9.97
N LEU A 184 27.51 7.44 10.07
CA LEU A 184 26.37 8.34 10.11
C LEU A 184 25.57 8.29 8.85
N VAL A 185 26.21 8.21 7.69
CA VAL A 185 25.42 8.19 6.46
C VAL A 185 24.68 6.85 6.35
N ALA A 186 25.40 5.74 6.60
CA ALA A 186 24.78 4.44 6.56
C ALA A 186 23.70 4.31 7.60
N ALA A 187 24.02 4.66 8.85
CA ALA A 187 23.02 4.56 9.91
C ALA A 187 21.79 5.37 9.54
N SER A 188 21.99 6.59 9.03
CA SER A 188 20.86 7.42 8.64
C SER A 188 20.09 6.76 7.52
N ASN A 189 20.78 6.25 6.49
CA ASN A 189 20.06 5.65 5.38
C ASN A 189 19.25 4.44 5.83
N ARG A 190 19.81 3.61 6.73
CA ARG A 190 19.06 2.45 7.22
C ARG A 190 17.78 2.87 7.93
N SER A 191 17.88 3.83 8.85
CA SER A 191 16.68 4.31 9.53
C SER A 191 15.67 4.83 8.54
N ALA A 192 16.12 5.55 7.51
CA ALA A 192 15.22 6.08 6.51
C ALA A 192 14.65 4.97 5.64
N LEU A 193 15.48 4.01 5.22
CA LEU A 193 14.91 2.89 4.50
C LEU A 193 13.81 2.18 5.29
N ALA A 194 13.98 2.01 6.61
CA ALA A 194 12.94 1.33 7.40
C ALA A 194 11.60 2.07 7.45
N ARG A 195 11.58 3.39 7.19
CA ARG A 195 10.35 4.17 7.18
C ARG A 195 9.65 4.16 5.83
N ILE A 196 10.34 3.79 4.77
CA ILE A 196 9.75 3.73 3.45
C ILE A 196 9.14 2.36 3.18
N ALA A 197 9.76 1.31 3.74
CA ALA A 197 9.37 -0.07 3.52
C ALA A 197 10.05 -0.96 4.57
N MET A 198 9.54 -2.16 4.70
CA MET A 198 10.07 -3.24 5.52
C MET A 198 11.48 -3.65 5.09
N VAL A 199 12.41 -3.63 6.03
CA VAL A 199 13.76 -4.14 5.81
C VAL A 199 13.81 -5.61 6.21
N ARG A 200 14.01 -6.49 5.25
CA ARG A 200 13.89 -7.90 5.55
C ARG A 200 15.21 -8.42 6.08
N ALA A 201 16.30 -7.84 5.59
CA ALA A 201 17.64 -8.21 6.03
C ALA A 201 18.61 -7.15 5.56
N ALA A 202 19.79 -7.19 6.17
CA ALA A 202 20.91 -6.33 5.85
C ALA A 202 22.10 -7.29 5.92
N LEU A 203 22.55 -7.81 4.79
CA LEU A 203 23.56 -8.87 4.81
C LEU A 203 24.92 -8.31 5.16
N PRO A 204 25.65 -8.91 6.12
CA PRO A 204 26.97 -8.37 6.49
C PRO A 204 27.93 -8.34 5.31
N ALA A 205 28.73 -7.29 5.28
CA ALA A 205 29.66 -7.13 4.18
C ALA A 205 30.57 -8.35 4.08
N GLY A 206 30.90 -8.69 2.85
CA GLY A 206 31.70 -9.84 2.52
C GLY A 206 30.97 -11.16 2.61
N ALA A 207 29.63 -11.14 2.70
CA ALA A 207 28.88 -12.39 2.87
C ALA A 207 29.17 -13.32 1.70
N ALA A 208 29.47 -12.75 0.53
CA ALA A 208 29.78 -13.55 -0.64
C ALA A 208 31.04 -14.39 -0.47
N SER A 209 31.87 -14.09 0.54
CA SER A 209 33.12 -14.76 0.77
C SER A 209 33.04 -15.82 1.86
N LEU A 210 31.90 -15.95 2.49
CA LEU A 210 31.66 -16.98 3.49
C LEU A 210 31.55 -18.37 2.87
N ASP A 211 32.08 -19.36 3.58
CA ASP A 211 31.97 -20.70 3.04
C ASP A 211 30.57 -21.24 3.35
N ALA A 212 30.31 -22.45 2.86
CA ALA A 212 28.96 -23.00 2.86
C ALA A 212 28.28 -22.93 4.23
N GLY A 213 28.94 -23.44 5.26
CA GLY A 213 28.33 -23.50 6.58
C GLY A 213 28.17 -22.13 7.20
N ASP A 214 29.15 -21.26 7.03
CA ASP A 214 29.06 -19.93 7.60
C ASP A 214 27.96 -19.13 6.90
N PHE A 215 27.90 -19.23 5.57
CA PHE A 215 26.86 -18.54 4.80
C PHE A 215 25.47 -19.04 5.14
N ALA A 216 25.32 -20.33 5.44
CA ALA A 216 23.99 -20.81 5.82
C ALA A 216 23.62 -20.30 7.21
N ALA A 217 24.58 -20.28 8.13
CA ALA A 217 24.35 -19.68 9.45
C ALA A 217 23.98 -18.22 9.32
N MET A 218 24.82 -17.45 8.60
CA MET A 218 24.54 -16.05 8.36
C MET A 218 23.15 -15.86 7.73
N SER A 219 22.79 -16.73 6.79
CA SER A 219 21.55 -16.55 6.07
C SER A 219 20.36 -16.77 6.99
N ALA A 220 20.45 -17.79 7.85
CA ALA A 220 19.36 -18.08 8.76
C ALA A 220 19.20 -16.94 9.75
N ALA A 221 20.31 -16.39 10.24
CA ALA A 221 20.21 -15.25 11.14
C ALA A 221 19.72 -13.98 10.45
N ALA A 222 20.03 -13.78 9.17
CA ALA A 222 19.69 -12.54 8.46
C ALA A 222 18.20 -12.22 8.41
N PHE A 223 17.39 -13.19 8.02
CA PHE A 223 15.96 -12.97 7.82
C PHE A 223 15.16 -13.44 9.02
N ASP A 224 14.02 -12.79 9.21
CA ASP A 224 13.04 -13.32 10.16
C ASP A 224 12.56 -14.67 9.66
N ARG A 225 12.66 -15.67 10.53
CA ARG A 225 12.26 -17.01 10.16
C ARG A 225 10.77 -17.04 9.81
N ASN A 226 9.96 -16.34 10.58
CA ASN A 226 8.52 -16.34 10.33
C ASN A 226 8.18 -15.67 9.01
N TRP A 227 8.92 -14.62 8.64
CA TRP A 227 8.64 -13.98 7.37
C TRP A 227 9.02 -14.91 6.22
N VAL A 228 10.17 -15.59 6.33
CA VAL A 228 10.56 -16.54 5.29
C VAL A 228 9.53 -17.65 5.21
N ALA A 229 9.15 -18.21 6.35
CA ALA A 229 8.18 -19.30 6.36
C ALA A 229 6.84 -18.85 5.76
N GLY A 230 6.43 -17.61 6.06
CA GLY A 230 5.20 -17.08 5.52
C GLY A 230 5.18 -16.82 4.03
N LEU A 231 6.29 -17.05 3.33
CA LEU A 231 6.29 -16.79 1.89
C LEU A 231 5.48 -17.84 1.11
N VAL A 232 5.34 -19.08 1.61
CA VAL A 232 4.63 -20.13 0.87
C VAL A 232 3.74 -20.87 1.86
N GLY A 233 2.50 -21.13 1.44
CA GLY A 233 1.62 -21.97 2.25
C GLY A 233 2.05 -23.42 2.16
N GLY B 7 5.25 35.66 -16.48
CA GLY B 7 6.60 35.62 -15.95
C GLY B 7 7.59 35.17 -17.01
N GLY B 8 8.57 34.34 -16.64
CA GLY B 8 9.54 33.88 -17.62
C GLY B 8 9.59 32.37 -17.79
N THR B 9 10.78 31.77 -17.86
CA THR B 9 10.98 30.31 -17.87
C THR B 9 11.68 29.85 -16.61
N ILE B 10 11.01 28.98 -15.86
CA ILE B 10 11.61 28.29 -14.71
C ILE B 10 11.97 26.87 -15.15
N LEU B 11 13.22 26.50 -14.98
CA LEU B 11 13.68 25.14 -15.21
C LEU B 11 14.26 24.49 -13.96
N VAL B 12 13.78 23.30 -13.60
CA VAL B 12 14.49 22.54 -12.57
C VAL B 12 15.55 21.69 -13.22
N VAL B 13 16.72 21.64 -12.57
CA VAL B 13 17.84 20.86 -13.04
C VAL B 13 18.02 19.76 -12.00
N THR B 14 17.63 18.54 -12.35
CA THR B 14 17.76 17.45 -11.38
C THR B 14 18.77 16.44 -11.92
N GLY B 15 19.02 15.41 -11.12
CA GLY B 15 19.88 14.33 -11.53
C GLY B 15 19.34 12.98 -11.06
N THR B 16 19.87 11.93 -11.69
CA THR B 16 19.54 10.56 -11.32
C THR B 16 20.12 10.16 -9.95
N GLY B 17 21.07 10.92 -9.45
CA GLY B 17 21.62 10.61 -8.14
C GLY B 17 22.49 11.75 -7.66
N THR B 18 23.24 11.46 -6.61
CA THR B 18 24.22 12.39 -6.10
C THR B 18 25.54 12.17 -6.83
N GLY B 19 26.26 13.26 -7.09
CA GLY B 19 27.55 13.15 -7.76
C GLY B 19 27.48 12.92 -9.25
N VAL B 20 26.35 13.24 -9.87
CA VAL B 20 26.18 13.05 -11.31
C VAL B 20 26.54 14.28 -12.11
N GLY B 21 26.94 15.35 -11.44
CA GLY B 21 27.27 16.61 -12.05
C GLY B 21 26.11 17.56 -12.27
N LYS B 22 25.19 17.67 -11.32
CA LYS B 22 24.10 18.65 -11.41
C LYS B 22 24.62 20.08 -11.43
N THR B 23 25.58 20.40 -10.55
CA THR B 23 26.02 21.78 -10.39
C THR B 23 26.77 22.31 -11.61
N VAL B 24 27.68 21.51 -12.15
CA VAL B 24 28.43 21.93 -13.33
C VAL B 24 27.49 22.08 -14.52
N VAL B 25 26.44 21.26 -14.57
CA VAL B 25 25.46 21.38 -15.65
C VAL B 25 24.65 22.66 -15.53
N CYS B 26 24.18 22.99 -14.33
N CYS B 26 24.14 22.96 -14.33
CA CYS B 26 23.50 24.27 -14.13
CA CYS B 26 23.54 24.27 -14.08
C CYS B 26 24.39 25.44 -14.58
C CYS B 26 24.41 25.40 -14.61
N ALA B 27 25.68 25.40 -14.24
CA ALA B 27 26.60 26.47 -14.65
C ALA B 27 26.76 26.50 -16.16
N ALA B 28 26.94 25.34 -16.79
CA ALA B 28 27.10 25.33 -18.24
C ALA B 28 25.86 25.89 -18.93
N LEU B 29 24.68 25.41 -18.54
CA LEU B 29 23.48 25.99 -19.13
C LEU B 29 23.36 27.49 -18.82
N ALA B 30 23.70 27.89 -17.60
CA ALA B 30 23.69 29.33 -17.25
C ALA B 30 24.61 30.11 -18.19
N SER B 31 25.86 29.66 -18.28
CA SER B 31 26.84 30.29 -19.15
C SER B 31 26.36 30.35 -20.60
N ALA B 32 25.81 29.23 -21.10
CA ALA B 32 25.33 29.25 -22.48
C ALA B 32 24.24 30.29 -22.68
N ALA B 33 23.24 30.27 -21.80
CA ALA B 33 22.09 31.16 -21.91
C ALA B 33 22.50 32.62 -21.77
N ARG B 34 23.42 32.91 -20.85
CA ARG B 34 23.91 34.29 -20.76
C ARG B 34 24.61 34.71 -22.04
N GLN B 35 25.33 33.79 -22.67
CA GLN B 35 26.00 34.11 -23.92
C GLN B 35 25.03 34.28 -25.09
N ALA B 36 23.83 33.72 -25.00
CA ALA B 36 22.71 34.01 -25.89
C ALA B 36 21.97 35.29 -25.54
N GLY B 37 22.50 36.07 -24.61
CA GLY B 37 21.91 37.33 -24.17
C GLY B 37 20.71 37.19 -23.28
N ILE B 38 20.56 36.05 -22.62
CA ILE B 38 19.48 35.81 -21.67
C ILE B 38 19.94 36.14 -20.25
N ASP B 39 19.02 36.62 -19.45
CA ASP B 39 19.25 36.86 -18.05
C ASP B 39 18.97 35.59 -17.25
N VAL B 40 19.91 35.22 -16.40
CA VAL B 40 19.84 33.96 -15.68
C VAL B 40 19.84 34.23 -14.18
N ALA B 41 19.00 33.48 -13.48
CA ALA B 41 19.03 33.33 -12.03
C ALA B 41 19.15 31.86 -11.73
N VAL B 42 19.81 31.54 -10.63
CA VAL B 42 19.92 30.17 -10.16
C VAL B 42 19.45 30.15 -8.71
N CYS B 43 18.53 29.24 -8.38
CA CYS B 43 18.09 29.10 -7.00
C CYS B 43 18.53 27.73 -6.51
N LYS B 44 19.28 27.71 -5.40
CA LYS B 44 19.59 26.47 -4.69
C LYS B 44 19.00 26.54 -3.29
N PRO B 45 17.77 26.09 -3.10
CA PRO B 45 17.10 26.25 -1.80
C PRO B 45 17.86 25.71 -0.60
N VAL B 46 18.41 24.50 -0.70
CA VAL B 46 19.08 23.82 0.41
C VAL B 46 20.46 23.36 -0.05
N GLN B 47 21.48 23.72 0.73
CA GLN B 47 22.86 23.31 0.52
C GLN B 47 23.35 22.54 1.74
N THR B 48 23.90 21.36 1.52
CA THR B 48 24.53 20.58 2.57
C THR B 48 26.05 20.52 2.32
N GLY B 49 26.76 19.93 3.26
CA GLY B 49 28.19 19.79 3.14
C GLY B 49 28.98 21.05 3.33
N THR B 50 28.43 22.03 4.05
CA THR B 50 29.08 23.35 4.12
C THR B 50 30.33 23.30 4.98
N ALA B 51 30.43 22.36 5.92
CA ALA B 51 31.63 22.28 6.77
C ALA B 51 32.87 22.06 5.92
N ARG B 52 32.80 21.20 4.90
CA ARG B 52 33.90 21.01 3.98
C ARG B 52 33.88 22.02 2.81
N GLY B 53 33.10 23.09 2.89
CA GLY B 53 33.16 24.14 1.88
C GLY B 53 32.31 23.99 0.63
N ASP B 54 31.35 23.06 0.61
CA ASP B 54 30.39 22.98 -0.48
C ASP B 54 29.54 24.24 -0.59
N ASP B 55 29.48 24.78 -1.80
CA ASP B 55 28.72 25.99 -2.08
C ASP B 55 28.49 26.05 -3.59
N ASP B 56 27.38 25.41 -4.02
CA ASP B 56 27.11 25.24 -5.44
C ASP B 56 26.68 26.54 -6.08
N LEU B 57 26.14 27.47 -5.30
CA LEU B 57 25.79 28.74 -5.90
C LEU B 57 27.05 29.50 -6.23
N ALA B 58 28.05 29.42 -5.36
CA ALA B 58 29.34 30.05 -5.63
C ALA B 58 30.01 29.43 -6.86
N GLU B 59 29.92 28.12 -7.00
CA GLU B 59 30.51 27.49 -8.19
C GLU B 59 29.85 28.02 -9.46
N VAL B 60 28.53 28.18 -9.44
CA VAL B 60 27.82 28.73 -10.58
C VAL B 60 28.18 30.20 -10.80
N GLY B 61 28.29 30.98 -9.71
CA GLY B 61 28.72 32.36 -9.85
C GLY B 61 30.09 32.43 -10.47
N ARG B 62 31.03 31.66 -9.94
CA ARG B 62 32.38 31.67 -10.45
C ARG B 62 32.42 31.15 -11.89
N LEU B 63 31.83 29.97 -12.14
CA LEU B 63 31.95 29.34 -13.46
C LEU B 63 31.17 30.13 -14.50
N ALA B 64 29.97 30.61 -14.15
CA ALA B 64 29.11 31.24 -15.15
C ALA B 64 28.95 32.74 -14.96
N GLY B 65 29.40 33.31 -13.83
CA GLY B 65 29.22 34.74 -13.61
C GLY B 65 27.79 35.19 -13.30
N VAL B 66 26.90 34.26 -12.97
CA VAL B 66 25.57 34.59 -12.49
C VAL B 66 25.67 35.36 -11.18
N THR B 67 24.85 36.41 -11.04
CA THR B 67 24.80 37.16 -9.79
C THR B 67 23.51 36.94 -9.02
N GLN B 68 22.40 36.67 -9.71
CA GLN B 68 21.15 36.37 -9.00
C GLN B 68 21.21 34.92 -8.54
N LEU B 69 21.70 34.73 -7.32
CA LEU B 69 21.98 33.43 -6.73
C LEU B 69 21.24 33.35 -5.40
N ALA B 70 20.26 32.44 -5.31
CA ALA B 70 19.26 32.46 -4.23
C ALA B 70 19.27 31.12 -3.48
N GLY B 71 19.36 31.20 -2.15
CA GLY B 71 19.34 30.02 -1.32
C GLY B 71 18.64 30.31 0.00
N LEU B 72 18.23 29.25 0.67
CA LEU B 72 17.45 29.46 1.89
C LEU B 72 18.04 28.82 3.15
N ALA B 73 18.87 27.79 2.98
CA ALA B 73 19.36 26.99 4.12
C ALA B 73 20.66 26.27 3.79
N ARG B 74 21.52 26.13 4.81
CA ARG B 74 22.84 25.54 4.68
C ARG B 74 23.14 24.63 5.87
N TYR B 75 23.39 23.36 5.61
CA TYR B 75 23.68 22.42 6.68
C TYR B 75 25.11 21.89 6.58
N PRO B 76 25.83 21.85 7.69
CA PRO B 76 27.26 21.46 7.65
C PRO B 76 27.54 20.04 7.15
N GLN B 77 26.75 19.07 7.56
CA GLN B 77 27.04 17.65 7.26
C GLN B 77 26.88 17.35 5.76
N PRO B 78 27.77 16.54 5.17
CA PRO B 78 27.68 16.13 3.75
C PRO B 78 26.65 15.05 3.50
N MET B 79 25.44 15.25 4.03
CA MET B 79 24.35 14.31 3.90
C MET B 79 23.23 14.89 3.06
N ALA B 80 22.26 14.05 2.86
CA ALA B 80 20.98 14.44 2.31
C ALA B 80 20.34 15.48 3.22
N PRO B 81 19.61 16.45 2.66
CA PRO B 81 19.10 17.56 3.47
C PRO B 81 18.43 17.12 4.76
N ALA B 82 17.53 16.12 4.69
CA ALA B 82 16.85 15.69 5.90
C ALA B 82 17.81 15.09 6.94
N ALA B 83 18.82 14.34 6.47
CA ALA B 83 19.87 13.86 7.38
C ALA B 83 20.69 15.01 7.98
N ALA B 84 21.12 15.96 7.13
CA ALA B 84 21.88 17.11 7.61
C ALA B 84 21.10 17.91 8.64
N ALA B 85 19.80 18.09 8.37
CA ALA B 85 18.91 18.77 9.29
C ALA B 85 18.81 18.06 10.63
N GLU B 86 18.56 16.75 10.58
CA GLU B 86 18.42 15.93 11.79
C GLU B 86 19.68 16.04 12.64
N HIS B 87 20.83 15.93 12.01
CA HIS B 87 22.10 16.04 12.72
C HIS B 87 22.25 17.42 13.35
N ALA B 88 21.83 18.50 12.65
CA ALA B 88 22.00 19.86 13.16
C ALA B 88 20.95 20.27 14.19
N GLY B 89 19.82 19.55 14.28
CA GLY B 89 18.78 19.85 15.23
C GLY B 89 17.79 20.91 14.80
N MET B 90 17.59 21.09 13.51
CA MET B 90 16.77 22.17 12.98
C MET B 90 16.01 21.67 11.77
N ALA B 91 14.80 22.19 11.60
CA ALA B 91 13.93 21.79 10.50
C ALA B 91 14.54 22.15 9.15
N LEU B 92 13.97 21.54 8.11
CA LEU B 92 14.16 21.96 6.73
C LEU B 92 13.34 23.23 6.47
N PRO B 93 13.58 23.96 5.38
CA PRO B 93 12.68 25.06 5.03
C PRO B 93 11.26 24.55 4.79
N ALA B 94 10.30 25.48 4.79
CA ALA B 94 8.93 25.11 4.46
C ALA B 94 8.69 25.10 2.96
N ARG B 95 7.62 24.42 2.57
CA ARG B 95 7.25 24.31 1.16
C ARG B 95 7.05 25.70 0.56
N ASP B 96 6.30 26.54 1.26
CA ASP B 96 6.00 27.88 0.78
C ASP B 96 7.28 28.72 0.60
N GLN B 97 8.25 28.59 1.52
CA GLN B 97 9.48 29.36 1.40
C GLN B 97 10.16 29.09 0.07
N ILE B 98 10.29 27.80 -0.29
CA ILE B 98 10.96 27.46 -1.54
C ILE B 98 10.14 27.94 -2.74
N VAL B 99 8.84 27.67 -2.71
CA VAL B 99 7.99 28.01 -3.85
C VAL B 99 7.91 29.53 -4.04
N ARG B 100 7.71 30.30 -2.95
CA ARG B 100 7.62 31.75 -3.12
C ARG B 100 8.95 32.38 -3.52
N LEU B 101 10.07 31.85 -2.99
CA LEU B 101 11.38 32.33 -3.44
C LEU B 101 11.56 32.21 -4.94
N ILE B 102 11.10 31.09 -5.50
CA ILE B 102 11.25 30.82 -6.93
C ILE B 102 10.35 31.75 -7.75
N ALA B 103 9.06 31.85 -7.38
CA ALA B 103 8.18 32.78 -8.08
C ALA B 103 8.63 34.23 -7.92
N ASP B 104 9.37 34.54 -6.88
CA ASP B 104 9.86 35.92 -6.78
C ASP B 104 11.08 36.12 -7.66
N LEU B 105 11.91 35.09 -7.83
CA LEU B 105 12.98 35.15 -8.82
C LEU B 105 12.45 35.22 -10.24
N ASP B 106 11.34 34.55 -10.51
CA ASP B 106 10.85 34.43 -11.88
C ASP B 106 10.44 35.78 -12.44
N ARG B 107 10.95 36.07 -13.65
CA ARG B 107 10.59 37.32 -14.29
C ARG B 107 10.70 37.18 -15.80
N PRO B 108 9.98 37.99 -16.56
CA PRO B 108 9.98 37.84 -18.02
C PRO B 108 11.36 38.05 -18.62
N GLY B 109 11.72 37.20 -19.58
CA GLY B 109 13.03 37.32 -20.17
C GLY B 109 14.15 36.61 -19.44
N ARG B 110 13.89 36.08 -18.25
CA ARG B 110 14.91 35.46 -17.39
C ARG B 110 14.72 33.95 -17.44
N LEU B 111 15.83 33.23 -17.55
CA LEU B 111 15.86 31.79 -17.31
C LEU B 111 16.23 31.57 -15.86
N THR B 112 15.34 30.97 -15.08
CA THR B 112 15.57 30.68 -13.68
C THR B 112 15.76 29.18 -13.51
N LEU B 113 16.97 28.78 -13.15
CA LEU B 113 17.34 27.39 -12.90
C LEU B 113 17.19 27.11 -11.40
N VAL B 114 16.59 25.95 -11.08
CA VAL B 114 16.41 25.48 -9.70
C VAL B 114 17.19 24.17 -9.50
N GLU B 115 18.23 24.22 -8.69
CA GLU B 115 19.06 23.05 -8.41
C GLU B 115 18.65 22.38 -7.09
N GLY B 116 18.31 21.10 -7.16
CA GLY B 116 17.98 20.31 -5.99
C GLY B 116 19.24 19.86 -5.27
N ALA B 117 19.05 18.92 -4.34
CA ALA B 117 20.11 18.16 -3.70
C ALA B 117 19.90 16.68 -4.03
N GLY B 118 20.96 16.00 -4.44
CA GLY B 118 20.90 14.61 -4.87
C GLY B 118 19.88 14.38 -5.98
N GLY B 119 19.18 13.24 -5.96
CA GLY B 119 18.24 12.91 -7.00
C GLY B 119 16.87 13.55 -6.86
N LEU B 120 15.95 13.08 -7.69
CA LEU B 120 14.67 13.74 -7.89
C LEU B 120 13.77 13.62 -6.69
N LEU B 121 13.83 12.49 -6.00
CA LEU B 121 12.92 12.21 -4.90
C LEU B 121 13.52 12.55 -3.55
N VAL B 122 14.65 13.24 -3.53
CA VAL B 122 15.22 13.59 -2.24
C VAL B 122 14.36 14.62 -1.56
N GLU B 123 14.32 14.54 -0.24
CA GLU B 123 13.46 15.41 0.53
C GLU B 123 14.14 16.78 0.64
N LEU B 124 13.43 17.85 0.25
CA LEU B 124 13.98 19.21 0.21
C LEU B 124 13.33 20.18 1.17
N ALA B 125 12.07 19.96 1.57
CA ALA B 125 11.38 20.90 2.43
C ALA B 125 10.36 20.20 3.31
N GLU B 126 9.93 20.91 4.33
CA GLU B 126 9.04 20.35 5.31
C GLU B 126 7.62 20.35 4.79
N PRO B 127 6.88 19.22 4.85
CA PRO B 127 7.12 17.81 5.22
C PRO B 127 7.29 16.83 4.04
N GLY B 128 8.50 16.40 3.73
CA GLY B 128 8.70 15.40 2.68
C GLY B 128 8.43 15.92 1.29
N VAL B 129 8.69 17.21 1.06
CA VAL B 129 8.46 17.84 -0.23
C VAL B 129 9.73 17.73 -1.07
N THR B 130 9.56 17.37 -2.33
CA THR B 130 10.70 17.09 -3.19
C THR B 130 10.77 18.14 -4.27
N LEU B 131 11.90 18.13 -4.98
CA LEU B 131 12.04 18.93 -6.17
C LEU B 131 10.93 18.62 -7.17
N ARG B 132 10.44 17.38 -7.21
CA ARG B 132 9.35 17.08 -8.13
C ARG B 132 8.08 17.84 -7.75
N ASP B 133 7.73 17.84 -6.45
CA ASP B 133 6.61 18.65 -5.98
C ASP B 133 6.82 20.13 -6.32
N VAL B 134 8.01 20.68 -6.01
CA VAL B 134 8.33 22.07 -6.32
C VAL B 134 8.09 22.36 -7.80
N ALA B 135 8.57 21.46 -8.68
CA ALA B 135 8.42 21.68 -10.12
C ALA B 135 6.94 21.76 -10.51
N VAL B 136 6.09 20.96 -9.88
CA VAL B 136 4.66 21.05 -10.12
C VAL B 136 4.13 22.40 -9.66
N ASP B 137 4.48 22.79 -8.43
CA ASP B 137 3.93 24.02 -7.84
C ASP B 137 4.29 25.27 -8.66
N VAL B 138 5.40 25.24 -9.40
CA VAL B 138 5.80 26.42 -10.15
C VAL B 138 5.76 26.17 -11.65
N ALA B 139 5.21 25.02 -12.09
CA ALA B 139 5.03 24.73 -13.51
C ALA B 139 6.37 24.69 -14.26
N ALA B 140 7.41 24.23 -13.57
CA ALA B 140 8.70 24.12 -14.23
C ALA B 140 8.83 22.79 -14.98
N ALA B 141 9.55 22.82 -16.11
CA ALA B 141 10.02 21.60 -16.71
C ALA B 141 11.28 21.13 -16.00
N ALA B 142 11.68 19.88 -16.28
CA ALA B 142 12.84 19.30 -15.62
C ALA B 142 13.96 18.94 -16.59
N LEU B 143 15.16 19.40 -16.28
CA LEU B 143 16.39 18.98 -16.97
C LEU B 143 17.08 17.93 -16.11
N VAL B 144 17.29 16.75 -16.67
CA VAL B 144 17.78 15.60 -15.91
C VAL B 144 19.26 15.38 -16.21
N VAL B 145 20.09 15.48 -15.19
CA VAL B 145 21.52 15.22 -15.37
C VAL B 145 21.79 13.75 -15.11
N VAL B 146 22.50 13.11 -16.04
CA VAL B 146 22.70 11.65 -16.00
C VAL B 146 24.19 11.37 -16.15
N THR B 147 24.59 10.15 -15.78
CA THR B 147 25.95 9.72 -16.07
C THR B 147 25.96 8.87 -17.31
N ALA B 148 27.17 8.54 -17.76
CA ALA B 148 27.39 7.66 -18.89
C ALA B 148 27.83 6.27 -18.44
N ASP B 149 27.77 5.99 -17.15
CA ASP B 149 28.33 4.75 -16.64
C ASP B 149 27.29 3.63 -16.69
N LEU B 150 27.80 2.40 -16.67
CA LEU B 150 26.95 1.23 -16.53
C LEU B 150 25.91 1.48 -15.44
N GLY B 151 24.64 1.29 -15.80
CA GLY B 151 23.56 1.58 -14.88
C GLY B 151 22.77 2.83 -15.17
N THR B 152 23.31 3.75 -15.97
CA THR B 152 22.60 5.02 -16.19
C THR B 152 21.22 4.87 -16.84
N LEU B 153 21.02 3.88 -17.69
CA LEU B 153 19.72 3.74 -18.38
C LEU B 153 18.61 3.50 -17.38
N ASN B 154 18.78 2.51 -16.47
CA ASN B 154 17.78 2.22 -15.46
C ASN B 154 17.46 3.46 -14.63
N HIS B 155 18.50 4.10 -14.05
CA HIS B 155 18.25 5.29 -13.23
C HIS B 155 17.54 6.37 -14.03
N THR B 156 17.92 6.54 -15.29
CA THR B 156 17.28 7.55 -16.12
C THR B 156 15.82 7.21 -16.40
N LYS B 157 15.53 5.98 -16.84
CA LYS B 157 14.13 5.63 -17.09
C LYS B 157 13.30 5.82 -15.82
N LEU B 158 13.87 5.42 -14.68
CA LEU B 158 13.23 5.60 -13.37
C LEU B 158 12.92 7.07 -13.10
N THR B 159 13.86 7.97 -13.40
CA THR B 159 13.63 9.39 -13.16
C THR B 159 12.61 9.95 -14.14
N LEU B 160 12.74 9.63 -15.45
CA LEU B 160 11.71 10.12 -16.37
C LEU B 160 10.32 9.60 -16.04
N GLU B 161 10.21 8.34 -15.59
N GLU B 161 10.21 8.33 -15.61
CA GLU B 161 8.86 7.90 -15.23
CA GLU B 161 8.89 7.86 -15.22
C GLU B 161 8.36 8.60 -13.99
C GLU B 161 8.38 8.64 -14.01
N ALA B 162 9.26 8.95 -13.05
CA ALA B 162 8.80 9.69 -11.89
C ALA B 162 8.33 11.08 -12.29
N LEU B 163 9.09 11.73 -13.16
CA LEU B 163 8.67 12.99 -13.76
C LEU B 163 7.27 12.89 -14.38
N ALA B 164 7.08 11.91 -15.27
CA ALA B 164 5.83 11.80 -16.03
C ALA B 164 4.65 11.52 -15.12
N ALA B 165 4.84 10.73 -14.07
CA ALA B 165 3.80 10.36 -13.10
C ALA B 165 3.13 11.59 -12.47
N GLN B 166 3.82 12.73 -12.37
CA GLN B 166 3.27 13.99 -11.85
C GLN B 166 3.15 15.07 -12.91
N GLN B 167 3.11 14.69 -14.20
CA GLN B 167 2.92 15.62 -15.31
C GLN B 167 3.92 16.80 -15.28
N VAL B 168 5.18 16.45 -15.10
CA VAL B 168 6.29 17.38 -15.22
C VAL B 168 7.06 17.07 -16.49
N SER B 169 7.04 18.02 -17.43
CA SER B 169 7.77 17.90 -18.69
C SER B 169 9.22 17.54 -18.47
N CYS B 170 9.79 16.88 -19.46
CA CYS B 170 11.21 16.61 -19.44
C CYS B 170 11.84 17.51 -20.51
N ALA B 171 12.67 18.44 -20.08
CA ALA B 171 13.37 19.30 -21.02
C ALA B 171 14.53 18.62 -21.69
N GLY B 172 14.94 17.44 -21.20
CA GLY B 172 16.03 16.67 -21.78
C GLY B 172 16.97 16.10 -20.74
N LEU B 173 17.98 15.41 -21.24
CA LEU B 173 19.08 14.90 -20.41
C LEU B 173 20.38 15.62 -20.77
N VAL B 174 21.22 15.75 -19.76
CA VAL B 174 22.59 16.14 -19.96
C VAL B 174 23.46 15.10 -19.29
N ILE B 175 24.47 14.61 -20.00
CA ILE B 175 25.48 13.78 -19.38
C ILE B 175 26.47 14.68 -18.63
N GLY B 176 26.49 14.57 -17.30
CA GLY B 176 27.34 15.45 -16.51
C GLY B 176 28.83 15.32 -16.83
N SER B 177 29.30 14.11 -17.15
CA SER B 177 30.72 13.91 -17.35
C SER B 177 30.88 12.85 -18.42
N TRP B 178 31.43 13.26 -19.55
CA TRP B 178 31.72 12.44 -20.71
C TRP B 178 33.18 12.06 -20.70
N PRO B 179 33.51 10.77 -20.59
CA PRO B 179 34.92 10.38 -20.52
C PRO B 179 35.63 10.51 -21.86
N ASP B 180 36.96 10.58 -21.79
CA ASP B 180 37.79 10.63 -22.98
C ASP B 180 38.95 9.68 -22.74
N PRO B 181 39.15 8.67 -23.62
CA PRO B 181 38.22 8.26 -24.69
C PRO B 181 37.00 7.58 -24.10
N PRO B 182 35.88 7.60 -24.82
CA PRO B 182 34.62 7.09 -24.23
C PRO B 182 34.72 5.70 -23.62
N GLY B 183 35.08 4.68 -24.38
CA GLY B 183 34.99 3.32 -23.90
C GLY B 183 33.68 2.68 -24.33
N LEU B 184 33.65 1.36 -24.31
CA LEU B 184 32.52 0.63 -24.90
C LEU B 184 31.22 0.88 -24.15
N VAL B 185 31.26 0.80 -22.83
CA VAL B 185 30.05 1.01 -22.05
C VAL B 185 29.52 2.44 -22.21
N ALA B 186 30.39 3.44 -22.11
CA ALA B 186 29.91 4.82 -22.21
C ALA B 186 29.40 5.14 -23.62
N ALA B 187 30.06 4.64 -24.64
CA ALA B 187 29.60 4.86 -26.01
C ALA B 187 28.24 4.23 -26.23
N SER B 188 28.04 3.00 -25.75
CA SER B 188 26.76 2.33 -25.90
C SER B 188 25.64 3.03 -25.13
N ASN B 189 25.94 3.53 -23.93
CA ASN B 189 24.90 4.17 -23.13
C ASN B 189 24.45 5.47 -23.80
N ARG B 190 25.38 6.23 -24.37
CA ARG B 190 25.03 7.50 -25.04
C ARG B 190 24.03 7.27 -26.17
N SER B 191 24.30 6.29 -27.03
N SER B 191 24.30 6.29 -27.03
CA SER B 191 23.36 5.95 -28.09
CA SER B 191 23.35 5.95 -28.09
C SER B 191 21.98 5.60 -27.53
C SER B 191 21.98 5.59 -27.54
N ALA B 192 21.95 4.82 -26.45
CA ALA B 192 20.67 4.43 -25.86
C ALA B 192 19.99 5.61 -25.18
N LEU B 193 20.73 6.35 -24.34
CA LEU B 193 20.18 7.56 -23.75
C LEU B 193 19.58 8.47 -24.79
N ALA B 194 20.22 8.63 -25.95
CA ALA B 194 19.63 9.48 -26.96
C ALA B 194 18.37 8.90 -27.57
N ARG B 195 18.14 7.60 -27.40
CA ARG B 195 16.91 6.98 -27.87
C ARG B 195 15.80 7.10 -26.84
N ILE B 196 16.14 7.54 -25.63
CA ILE B 196 15.12 7.58 -24.58
C ILE B 196 14.67 9.00 -24.37
N ALA B 197 15.54 9.94 -24.69
CA ALA B 197 15.25 11.35 -24.61
C ALA B 197 16.34 12.10 -25.37
N MET B 198 16.07 13.37 -25.65
CA MET B 198 17.01 14.28 -26.28
C MET B 198 18.17 14.59 -25.34
N VAL B 199 19.36 14.12 -25.69
CA VAL B 199 20.61 14.55 -25.06
C VAL B 199 20.93 15.97 -25.51
N ARG B 200 20.94 16.90 -24.56
CA ARG B 200 21.12 18.32 -24.86
C ARG B 200 22.61 18.68 -24.90
N ALA B 201 23.40 18.05 -24.03
CA ALA B 201 24.85 18.22 -24.02
C ALA B 201 25.48 17.04 -23.27
N ALA B 202 26.77 16.87 -23.48
CA ALA B 202 27.59 15.95 -22.69
C ALA B 202 28.84 16.75 -22.33
N LEU B 203 29.04 17.02 -21.06
CA LEU B 203 30.13 17.92 -20.73
C LEU B 203 31.41 17.12 -20.56
N PRO B 204 32.49 17.53 -21.21
CA PRO B 204 33.75 16.78 -21.09
C PRO B 204 34.12 16.61 -19.62
N ALA B 205 34.63 15.43 -19.28
CA ALA B 205 35.07 15.20 -17.91
C ALA B 205 36.10 16.25 -17.50
N GLY B 206 35.91 16.81 -16.30
CA GLY B 206 36.88 17.76 -15.84
C GLY B 206 36.48 19.18 -16.10
N ALA B 207 35.36 19.40 -16.82
CA ALA B 207 34.95 20.75 -17.12
C ALA B 207 34.85 21.61 -15.86
N ALA B 208 34.39 21.00 -14.76
CA ALA B 208 34.25 21.65 -13.47
C ALA B 208 35.50 22.42 -12.99
N SER B 209 36.69 22.10 -13.53
CA SER B 209 37.91 22.74 -13.06
C SER B 209 38.42 23.86 -13.94
N LEU B 210 37.74 24.12 -15.06
CA LEU B 210 38.17 25.18 -15.95
C LEU B 210 38.05 26.53 -15.25
N ASP B 211 38.81 27.50 -15.74
CA ASP B 211 38.61 28.87 -15.35
C ASP B 211 37.42 29.43 -16.15
N ALA B 212 37.01 30.67 -15.86
CA ALA B 212 35.72 31.15 -16.37
C ALA B 212 35.75 31.35 -17.87
N GLY B 213 36.88 31.81 -18.40
CA GLY B 213 36.97 32.04 -19.84
C GLY B 213 36.75 30.75 -20.59
N ASP B 214 37.52 29.73 -20.25
CA ASP B 214 37.41 28.43 -20.89
C ASP B 214 36.04 27.79 -20.62
N PHE B 215 35.53 27.91 -19.40
CA PHE B 215 34.21 27.33 -19.13
C PHE B 215 33.13 27.93 -20.03
N ALA B 216 33.13 29.26 -20.23
CA ALA B 216 32.12 29.86 -21.09
C ALA B 216 32.26 29.34 -22.52
N ALA B 217 33.50 29.13 -22.95
CA ALA B 217 33.75 28.63 -24.29
C ALA B 217 33.28 27.20 -24.39
N MET B 218 33.68 26.37 -23.43
CA MET B 218 33.15 25.01 -23.32
C MET B 218 31.62 25.01 -23.43
N SER B 219 30.95 25.79 -22.55
CA SER B 219 29.48 25.87 -22.48
C SER B 219 28.83 26.30 -23.78
N ALA B 220 29.38 27.29 -24.45
CA ALA B 220 28.79 27.76 -25.71
C ALA B 220 28.72 26.63 -26.72
N ALA B 221 29.80 25.85 -26.80
CA ALA B 221 29.87 24.77 -27.78
C ALA B 221 29.20 23.49 -27.28
N ALA B 222 28.84 23.41 -26.00
CA ALA B 222 28.32 22.16 -25.49
C ALA B 222 26.85 22.03 -25.82
N PHE B 223 26.14 23.15 -25.82
CA PHE B 223 24.71 23.13 -26.10
C PHE B 223 24.46 23.62 -27.51
N ASP B 224 23.36 23.16 -28.07
CA ASP B 224 22.93 23.72 -29.34
C ASP B 224 22.44 25.14 -29.09
N ARG B 225 22.94 26.07 -29.89
CA ARG B 225 22.67 27.49 -29.65
C ARG B 225 21.20 27.80 -29.82
N ASN B 226 20.57 27.22 -30.84
CA ASN B 226 19.15 27.46 -31.13
C ASN B 226 18.24 26.94 -30.02
N TRP B 227 18.55 25.79 -29.43
CA TRP B 227 17.75 25.30 -28.31
C TRP B 227 17.83 26.22 -27.09
N VAL B 228 19.05 26.59 -26.71
CA VAL B 228 19.24 27.48 -25.56
C VAL B 228 18.42 28.75 -25.73
N ALA B 229 18.60 29.43 -26.87
CA ALA B 229 17.84 30.63 -27.16
C ALA B 229 16.33 30.42 -27.07
N GLY B 230 15.83 29.34 -27.66
CA GLY B 230 14.42 29.05 -27.66
C GLY B 230 13.78 28.82 -26.32
N LEU B 231 14.56 28.83 -25.22
CA LEU B 231 14.05 28.61 -23.86
C LEU B 231 13.28 29.82 -23.32
N VAL B 232 13.63 31.03 -23.68
CA VAL B 232 12.93 32.18 -23.10
C VAL B 232 12.29 33.09 -24.14
N GLY C 7 9.14 6.65 22.41
CA GLY C 7 9.39 5.62 23.40
C GLY C 7 8.23 5.28 24.33
N GLY C 8 7.04 5.85 24.11
CA GLY C 8 5.88 5.47 24.90
C GLY C 8 5.04 4.31 24.39
N THR C 9 3.75 4.36 24.68
CA THR C 9 2.75 3.40 24.20
C THR C 9 1.99 4.12 23.09
N ILE C 10 1.95 3.55 21.89
CA ILE C 10 1.05 4.02 20.84
C ILE C 10 -0.17 3.10 20.80
N LEU C 11 -1.37 3.66 20.70
CA LEU C 11 -2.56 2.83 20.67
C LEU C 11 -3.58 3.36 19.65
N VAL C 12 -3.85 2.59 18.59
CA VAL C 12 -4.91 3.01 17.67
C VAL C 12 -6.27 2.65 18.25
N VAL C 13 -7.27 3.47 17.93
CA VAL C 13 -8.65 3.25 18.37
C VAL C 13 -9.51 3.20 17.13
N THR C 14 -9.79 1.99 16.67
CA THR C 14 -10.69 1.70 15.56
C THR C 14 -12.05 1.31 16.09
N GLY C 15 -12.90 0.90 15.15
CA GLY C 15 -14.22 0.42 15.47
C GLY C 15 -14.69 -0.49 14.35
N THR C 16 -15.80 -1.18 14.59
CA THR C 16 -16.31 -2.11 13.59
C THR C 16 -16.96 -1.41 12.39
N GLY C 17 -16.96 -0.09 12.34
CA GLY C 17 -17.65 0.61 11.27
C GLY C 17 -17.79 2.08 11.63
N THR C 18 -18.62 2.79 10.87
CA THR C 18 -18.82 4.21 11.14
C THR C 18 -19.86 4.41 12.23
N GLY C 19 -19.75 5.53 12.96
CA GLY C 19 -20.74 5.92 13.96
C GLY C 19 -20.90 4.93 15.09
N VAL C 20 -19.80 4.30 15.52
CA VAL C 20 -19.84 3.33 16.62
C VAL C 20 -19.47 3.93 17.97
N GLY C 21 -19.01 5.17 18.01
CA GLY C 21 -18.56 5.79 19.23
C GLY C 21 -17.06 5.91 19.42
N LYS C 22 -16.29 5.86 18.35
CA LYS C 22 -14.83 5.96 18.43
C LYS C 22 -14.37 7.25 19.13
N THR C 23 -14.98 8.40 18.80
CA THR C 23 -14.50 9.67 19.37
C THR C 23 -14.73 9.78 20.87
N VAL C 24 -15.91 9.40 21.35
CA VAL C 24 -16.16 9.46 22.78
C VAL C 24 -15.28 8.48 23.53
N VAL C 25 -15.09 7.28 22.98
CA VAL C 25 -14.23 6.30 23.62
C VAL C 25 -12.82 6.85 23.75
N CYS C 26 -12.30 7.44 22.67
CA CYS C 26 -11.03 8.16 22.77
C CYS C 26 -11.07 9.18 23.91
N ALA C 27 -12.16 9.93 23.99
CA ALA C 27 -12.27 10.92 25.04
C ALA C 27 -12.32 10.25 26.41
N ALA C 28 -13.04 9.13 26.52
CA ALA C 28 -13.19 8.46 27.81
C ALA C 28 -11.87 7.87 28.29
N LEU C 29 -11.17 7.14 27.43
CA LEU C 29 -9.92 6.52 27.86
C LEU C 29 -8.88 7.58 28.21
N ALA C 30 -8.82 8.66 27.42
CA ALA C 30 -7.88 9.74 27.69
C ALA C 30 -8.14 10.38 29.05
N SER C 31 -9.41 10.62 29.37
CA SER C 31 -9.74 11.18 30.68
C SER C 31 -9.37 10.21 31.80
N ALA C 32 -9.55 8.91 31.58
CA ALA C 32 -9.17 7.93 32.58
C ALA C 32 -7.66 7.96 32.83
N ALA C 33 -6.86 8.12 31.77
CA ALA C 33 -5.41 8.15 31.92
C ALA C 33 -4.95 9.46 32.56
N ARG C 34 -5.58 10.58 32.19
CA ARG C 34 -5.22 11.85 32.83
C ARG C 34 -5.53 11.79 34.31
N GLN C 35 -6.56 11.06 34.72
CA GLN C 35 -6.80 10.90 36.16
C GLN C 35 -5.81 9.95 36.82
N ALA C 36 -5.32 8.94 36.12
CA ALA C 36 -4.22 8.13 36.63
C ALA C 36 -2.85 8.79 36.44
N GLY C 37 -2.81 10.09 36.17
CA GLY C 37 -1.52 10.77 36.11
C GLY C 37 -0.72 10.58 34.83
N ILE C 38 -1.31 9.98 33.79
CA ILE C 38 -0.57 9.71 32.56
C ILE C 38 -0.62 10.95 31.67
N ASP C 39 0.46 11.20 30.93
CA ASP C 39 0.45 12.17 29.85
C ASP C 39 -0.25 11.58 28.62
N VAL C 40 -1.28 12.27 28.12
CA VAL C 40 -2.06 11.77 26.99
C VAL C 40 -1.99 12.76 25.83
N ALA C 41 -1.90 12.22 24.63
CA ALA C 41 -2.06 12.97 23.40
C ALA C 41 -3.00 12.21 22.49
N VAL C 42 -3.77 12.95 21.71
CA VAL C 42 -4.72 12.38 20.76
C VAL C 42 -4.39 12.90 19.37
N CYS C 43 -4.43 11.99 18.40
CA CYS C 43 -4.08 12.25 17.02
C CYS C 43 -5.26 11.79 16.18
N LYS C 44 -5.55 12.54 15.12
CA LYS C 44 -6.62 12.17 14.21
C LYS C 44 -6.01 12.48 12.87
N PRO C 45 -5.36 11.49 12.26
CA PRO C 45 -4.62 11.76 11.02
C PRO C 45 -5.51 12.11 9.85
N VAL C 46 -6.69 11.51 9.75
CA VAL C 46 -7.63 11.80 8.67
C VAL C 46 -8.99 12.16 9.29
N GLN C 47 -9.47 13.36 9.00
CA GLN C 47 -10.76 13.89 9.44
C GLN C 47 -11.63 14.28 8.25
N THR C 48 -12.77 13.60 8.09
CA THR C 48 -13.80 14.02 7.14
C THR C 48 -14.95 14.66 7.91
N GLY C 49 -15.88 15.25 7.17
CA GLY C 49 -17.11 15.81 7.70
C GLY C 49 -17.06 17.23 8.26
N THR C 50 -16.09 18.06 7.85
CA THR C 50 -16.05 19.41 8.38
C THR C 50 -17.23 20.27 7.94
N ALA C 51 -17.82 20.00 6.77
CA ALA C 51 -18.98 20.76 6.32
C ALA C 51 -20.16 20.59 7.27
N ARG C 52 -20.18 19.49 8.04
CA ARG C 52 -21.23 19.20 9.02
C ARG C 52 -20.89 19.69 10.42
N GLY C 53 -19.67 20.16 10.64
CA GLY C 53 -19.24 20.55 11.96
C GLY C 53 -18.44 19.54 12.73
N ASP C 54 -18.06 18.42 12.09
CA ASP C 54 -17.33 17.37 12.78
C ASP C 54 -15.93 17.89 13.05
N ASP C 55 -15.46 17.77 14.28
CA ASP C 55 -14.03 17.93 14.55
C ASP C 55 -13.82 17.06 15.80
N ASP C 56 -13.36 15.82 15.56
CA ASP C 56 -13.26 14.86 16.66
C ASP C 56 -12.22 15.30 17.69
N LEU C 57 -11.09 15.83 17.22
CA LEU C 57 -10.07 16.29 18.15
C LEU C 57 -10.62 17.40 19.05
N ALA C 58 -11.40 18.32 18.48
CA ALA C 58 -12.01 19.36 19.29
C ALA C 58 -12.96 18.74 20.32
N GLU C 59 -13.82 17.82 19.88
CA GLU C 59 -14.72 17.17 20.81
C GLU C 59 -13.98 16.44 21.94
N VAL C 60 -12.86 15.78 21.62
CA VAL C 60 -12.04 15.14 22.66
C VAL C 60 -11.45 16.17 23.61
N GLY C 61 -10.88 17.26 23.07
CA GLY C 61 -10.41 18.34 23.94
C GLY C 61 -11.53 18.86 24.81
N ARG C 62 -12.68 19.08 24.20
CA ARG C 62 -13.86 19.53 24.93
C ARG C 62 -14.24 18.52 26.01
N LEU C 63 -14.46 17.26 25.63
CA LEU C 63 -14.97 16.27 26.58
C LEU C 63 -13.95 15.96 27.69
N ALA C 64 -12.66 15.89 27.37
CA ALA C 64 -11.66 15.35 28.29
C ALA C 64 -10.54 16.32 28.64
N GLY C 65 -10.58 17.56 28.15
CA GLY C 65 -9.57 18.53 28.48
C GLY C 65 -8.18 18.19 27.99
N VAL C 66 -8.04 17.28 27.01
CA VAL C 66 -6.73 17.00 26.45
C VAL C 66 -6.29 18.18 25.59
N THR C 67 -5.06 18.65 25.81
CA THR C 67 -4.50 19.72 25.00
C THR C 67 -3.53 19.24 23.93
N GLN C 68 -2.82 18.14 24.12
CA GLN C 68 -1.84 17.72 23.13
C GLN C 68 -2.64 16.97 22.05
N LEU C 69 -3.06 17.73 21.04
CA LEU C 69 -3.91 17.29 19.94
C LEU C 69 -3.23 17.58 18.60
N ALA C 70 -3.11 16.56 17.76
CA ALA C 70 -2.44 16.66 16.48
C ALA C 70 -3.33 16.17 15.37
N GLY C 71 -3.48 16.98 14.30
CA GLY C 71 -4.20 16.53 13.13
C GLY C 71 -3.33 16.60 11.90
N LEU C 72 -3.92 16.22 10.77
CA LEU C 72 -3.26 16.28 9.45
C LEU C 72 -4.27 16.47 8.32
N ALA C 73 -4.88 15.39 7.82
CA ALA C 73 -5.83 15.49 6.71
C ALA C 73 -7.19 15.94 7.23
N ARG C 74 -7.81 16.90 6.54
CA ARG C 74 -9.16 17.38 6.85
C ARG C 74 -9.90 17.54 5.53
N TYR C 75 -11.16 17.05 5.46
CA TYR C 75 -11.94 17.14 4.22
C TYR C 75 -13.36 17.55 4.57
N PRO C 76 -14.05 18.26 3.68
CA PRO C 76 -15.39 18.77 4.01
C PRO C 76 -16.47 17.70 4.04
N GLN C 77 -16.62 16.89 2.97
CA GLN C 77 -17.81 16.05 2.96
C GLN C 77 -17.65 14.88 3.94
N PRO C 78 -18.74 14.54 4.69
CA PRO C 78 -18.77 13.39 5.64
C PRO C 78 -18.86 12.06 4.89
N MET C 79 -17.74 11.67 4.28
CA MET C 79 -17.69 10.47 3.47
C MET C 79 -16.43 9.69 3.83
N ALA C 80 -16.25 8.52 3.21
CA ALA C 80 -14.96 7.85 3.31
C ALA C 80 -13.85 8.82 2.89
N PRO C 81 -12.68 8.74 3.52
CA PRO C 81 -11.55 9.62 3.17
C PRO C 81 -11.25 9.70 1.68
N ALA C 82 -11.22 8.55 0.99
CA ALA C 82 -10.99 8.54 -0.45
C ALA C 82 -12.06 9.37 -1.17
N ALA C 83 -13.33 9.18 -0.81
CA ALA C 83 -14.43 9.90 -1.44
C ALA C 83 -14.40 11.38 -1.09
N ALA C 84 -14.11 11.70 0.17
CA ALA C 84 -14.01 13.08 0.62
C ALA C 84 -12.91 13.84 -0.11
N ALA C 85 -11.72 13.23 -0.20
CA ALA C 85 -10.64 13.92 -0.88
C ALA C 85 -10.97 14.13 -2.35
N GLU C 86 -11.54 13.11 -2.99
CA GLU C 86 -12.00 13.22 -4.36
C GLU C 86 -12.97 14.36 -4.54
N HIS C 87 -13.99 14.45 -3.69
CA HIS C 87 -15.00 15.50 -3.87
C HIS C 87 -14.37 16.89 -3.72
N ALA C 88 -13.39 17.04 -2.82
CA ALA C 88 -12.69 18.29 -2.59
C ALA C 88 -11.57 18.54 -3.60
N GLY C 89 -11.34 17.64 -4.54
CA GLY C 89 -10.24 17.79 -5.49
C GLY C 89 -8.87 17.76 -4.88
N MET C 90 -8.72 17.08 -3.75
CA MET C 90 -7.42 16.98 -3.11
C MET C 90 -6.98 15.53 -3.08
N ALA C 91 -5.88 15.30 -2.40
CA ALA C 91 -5.32 13.97 -2.32
C ALA C 91 -5.32 13.50 -0.86
N LEU C 92 -5.40 12.18 -0.68
CA LEU C 92 -5.13 11.57 0.61
C LEU C 92 -3.71 11.86 1.07
N PRO C 93 -3.46 11.84 2.39
CA PRO C 93 -2.07 11.99 2.84
C PRO C 93 -1.30 10.74 2.48
N ALA C 94 0.01 10.88 2.54
CA ALA C 94 0.88 9.75 2.30
C ALA C 94 0.96 8.86 3.53
N ARG C 95 1.29 7.59 3.30
CA ARG C 95 1.45 6.67 4.42
C ARG C 95 2.53 7.17 5.38
N ASP C 96 3.70 7.54 4.85
CA ASP C 96 4.75 8.02 5.75
C ASP C 96 4.44 9.38 6.38
N GLN C 97 3.55 10.19 5.79
CA GLN C 97 3.09 11.39 6.49
C GLN C 97 2.28 11.07 7.73
N ILE C 98 1.51 9.98 7.72
CA ILE C 98 0.72 9.66 8.90
C ILE C 98 1.63 9.14 10.01
N VAL C 99 2.53 8.23 9.67
CA VAL C 99 3.41 7.66 10.69
C VAL C 99 4.33 8.73 11.27
N ARG C 100 4.85 9.64 10.44
CA ARG C 100 5.72 10.69 10.97
C ARG C 100 4.97 11.48 12.03
N LEU C 101 3.75 11.91 11.70
CA LEU C 101 2.90 12.63 12.64
C LEU C 101 2.76 11.87 13.94
N ILE C 102 2.50 10.56 13.85
CA ILE C 102 2.38 9.71 15.03
C ILE C 102 3.70 9.69 15.80
N ALA C 103 4.81 9.49 15.08
CA ALA C 103 6.13 9.36 15.70
C ALA C 103 6.47 10.60 16.52
N ASP C 104 6.25 11.80 15.96
CA ASP C 104 6.52 13.03 16.70
C ASP C 104 5.80 13.02 18.05
N LEU C 105 4.54 12.57 18.06
CA LEU C 105 3.77 12.56 19.32
C LEU C 105 4.27 11.52 20.31
N ASP C 106 5.03 10.51 19.86
CA ASP C 106 5.29 9.38 20.74
C ASP C 106 6.55 9.63 21.56
N ARG C 107 6.41 9.47 22.86
CA ARG C 107 7.40 9.86 23.85
C ARG C 107 7.27 8.95 25.04
N PRO C 108 8.37 8.66 25.72
CA PRO C 108 8.32 7.75 26.85
C PRO C 108 7.44 8.31 27.96
N GLY C 109 6.48 7.52 28.40
CA GLY C 109 5.61 7.93 29.47
C GLY C 109 4.29 8.51 28.99
N ARG C 110 4.14 8.73 27.68
CA ARG C 110 2.94 9.32 27.13
C ARG C 110 2.08 8.21 26.52
N LEU C 111 0.77 8.31 26.79
CA LEU C 111 -0.24 7.48 26.14
C LEU C 111 -0.65 8.20 24.88
N THR C 112 -0.42 7.59 23.72
CA THR C 112 -0.80 8.19 22.45
C THR C 112 -1.94 7.39 21.81
N LEU C 113 -3.14 7.99 21.79
CA LEU C 113 -4.27 7.42 21.09
C LEU C 113 -4.33 7.96 19.68
N VAL C 114 -4.64 7.09 18.72
CA VAL C 114 -4.78 7.48 17.33
C VAL C 114 -6.19 6.99 16.97
N GLU C 115 -7.05 7.91 16.56
CA GLU C 115 -8.43 7.58 16.23
C GLU C 115 -8.51 7.48 14.73
N GLY C 116 -9.00 6.34 14.24
CA GLY C 116 -9.20 6.22 12.83
C GLY C 116 -10.42 6.94 12.31
N ALA C 117 -10.74 6.59 11.08
CA ALA C 117 -11.86 7.11 10.34
C ALA C 117 -12.71 5.93 9.87
N GLY C 118 -13.78 5.65 10.59
CA GLY C 118 -14.62 4.49 10.26
C GLY C 118 -14.02 3.21 10.81
N GLY C 119 -14.11 2.14 10.03
CA GLY C 119 -13.63 0.84 10.43
C GLY C 119 -12.14 0.61 10.18
N LEU C 120 -11.72 -0.63 10.50
CA LEU C 120 -10.30 -0.96 10.50
C LEU C 120 -9.70 -0.87 9.11
N LEU C 121 -10.46 -1.27 8.10
CA LEU C 121 -9.91 -1.47 6.77
C LEU C 121 -10.24 -0.32 5.85
N VAL C 122 -10.67 0.81 6.40
CA VAL C 122 -10.90 2.01 5.61
C VAL C 122 -9.56 2.56 5.14
N GLU C 123 -9.45 2.76 3.82
CA GLU C 123 -8.28 3.37 3.22
C GLU C 123 -7.99 4.79 3.75
N LEU C 124 -6.82 4.96 4.36
CA LEU C 124 -6.36 6.26 4.82
C LEU C 124 -5.32 6.90 3.90
N ALA C 125 -4.58 6.09 3.14
CA ALA C 125 -3.61 6.61 2.19
C ALA C 125 -3.57 5.73 0.95
N GLU C 126 -3.04 6.30 -0.13
CA GLU C 126 -2.91 5.58 -1.38
C GLU C 126 -1.65 4.71 -1.36
N PRO C 127 -1.73 3.45 -1.85
CA PRO C 127 -2.87 2.70 -2.35
C PRO C 127 -3.41 1.68 -1.33
N GLY C 128 -4.65 1.84 -0.90
CA GLY C 128 -5.24 0.91 0.05
C GLY C 128 -4.51 0.75 1.37
N VAL C 129 -3.92 1.83 1.90
CA VAL C 129 -3.26 1.83 3.19
C VAL C 129 -4.28 2.11 4.29
N THR C 130 -4.34 1.23 5.27
CA THR C 130 -5.37 1.29 6.31
C THR C 130 -4.76 1.61 7.66
N LEU C 131 -5.66 1.81 8.64
CA LEU C 131 -5.22 1.99 10.03
C LEU C 131 -4.48 0.75 10.53
N ARG C 132 -4.82 -0.43 10.01
CA ARG C 132 -4.09 -1.64 10.37
C ARG C 132 -2.65 -1.54 9.91
N ASP C 133 -2.45 -1.10 8.67
CA ASP C 133 -1.10 -0.88 8.17
C ASP C 133 -0.33 0.12 9.06
N VAL C 134 -0.97 1.23 9.43
CA VAL C 134 -0.35 2.22 10.31
C VAL C 134 0.02 1.60 11.65
N ALA C 135 -0.87 0.78 12.21
CA ALA C 135 -0.64 0.20 13.53
C ALA C 135 0.61 -0.66 13.50
N VAL C 136 0.81 -1.39 12.39
CA VAL C 136 1.99 -2.20 12.23
C VAL C 136 3.23 -1.33 12.17
N ASP C 137 3.17 -0.22 11.40
CA ASP C 137 4.33 0.66 11.25
C ASP C 137 4.82 1.24 12.57
N VAL C 138 3.94 1.44 13.54
CA VAL C 138 4.30 2.12 14.78
C VAL C 138 4.28 1.17 15.97
N ALA C 139 4.04 -0.12 15.72
CA ALA C 139 3.87 -1.10 16.78
C ALA C 139 2.85 -0.60 17.81
N ALA C 140 1.63 -0.44 17.35
CA ALA C 140 0.56 -0.08 18.23
C ALA C 140 -0.41 -1.24 18.26
N ALA C 141 -0.93 -1.51 19.46
CA ALA C 141 -2.08 -2.36 19.58
C ALA C 141 -3.32 -1.60 19.13
N ALA C 142 -4.39 -2.36 18.85
CA ALA C 142 -5.66 -1.79 18.45
C ALA C 142 -6.72 -2.00 19.53
N LEU C 143 -7.37 -0.90 19.93
CA LEU C 143 -8.59 -0.94 20.73
C LEU C 143 -9.78 -0.83 19.79
N VAL C 144 -10.72 -1.78 19.87
CA VAL C 144 -11.82 -1.87 18.91
C VAL C 144 -13.08 -1.35 19.58
N VAL C 145 -13.71 -0.35 18.97
CA VAL C 145 -14.97 0.19 19.49
C VAL C 145 -16.10 -0.54 18.77
N VAL C 146 -17.08 -1.02 19.54
CA VAL C 146 -18.16 -1.84 19.01
C VAL C 146 -19.51 -1.39 19.56
N THR C 147 -20.57 -1.69 18.81
CA THR C 147 -21.93 -1.51 19.27
C THR C 147 -22.43 -2.77 19.97
N ALA C 148 -23.56 -2.61 20.69
CA ALA C 148 -24.35 -3.67 21.31
C ALA C 148 -25.50 -4.15 20.42
N ASP C 149 -25.61 -3.65 19.21
CA ASP C 149 -26.75 -3.85 18.35
C ASP C 149 -26.70 -5.19 17.62
N LEU C 150 -27.77 -5.47 16.88
CA LEU C 150 -27.81 -6.72 16.14
C LEU C 150 -26.75 -6.65 15.04
N GLY C 151 -25.93 -7.69 14.97
CA GLY C 151 -24.84 -7.71 14.01
C GLY C 151 -23.46 -7.41 14.58
N THR C 152 -23.36 -6.97 15.83
CA THR C 152 -22.03 -6.57 16.35
C THR C 152 -21.04 -7.73 16.47
N LEU C 153 -21.53 -8.95 16.72
CA LEU C 153 -20.65 -10.10 16.90
C LEU C 153 -19.87 -10.43 15.64
N ASN C 154 -20.57 -10.45 14.51
CA ASN C 154 -19.95 -10.70 13.21
C ASN C 154 -18.91 -9.62 12.89
N HIS C 155 -19.32 -8.35 12.96
CA HIS C 155 -18.37 -7.26 12.70
C HIS C 155 -17.19 -7.33 13.67
N THR C 156 -17.43 -7.64 14.95
CA THR C 156 -16.34 -7.68 15.91
C THR C 156 -15.41 -8.86 15.63
N LYS C 157 -15.96 -10.07 15.41
CA LYS C 157 -15.13 -11.24 15.05
C LYS C 157 -14.33 -10.96 13.78
N LEU C 158 -14.98 -10.40 12.76
CA LEU C 158 -14.34 -10.04 11.51
C LEU C 158 -13.16 -9.10 11.76
N THR C 159 -13.39 -8.09 12.60
CA THR C 159 -12.37 -7.09 12.87
C THR C 159 -11.19 -7.73 13.59
N LEU C 160 -11.50 -8.51 14.62
CA LEU C 160 -10.44 -9.20 15.37
C LEU C 160 -9.60 -10.09 14.47
N GLU C 161 -10.21 -10.79 13.51
CA GLU C 161 -9.42 -11.63 12.59
C GLU C 161 -8.51 -10.79 11.72
N ALA C 162 -8.98 -9.62 11.28
CA ALA C 162 -8.11 -8.80 10.45
C ALA C 162 -6.91 -8.27 11.24
N LEU C 163 -7.09 -8.04 12.54
CA LEU C 163 -5.99 -7.62 13.40
C LEU C 163 -4.96 -8.72 13.59
N ALA C 164 -5.43 -9.91 13.94
CA ALA C 164 -4.53 -11.03 14.14
C ALA C 164 -3.84 -11.42 12.84
N ALA C 165 -4.51 -11.26 11.70
CA ALA C 165 -3.91 -11.69 10.43
C ALA C 165 -2.62 -10.93 10.12
N GLN C 166 -2.44 -9.75 10.70
CA GLN C 166 -1.21 -8.97 10.59
C GLN C 166 -0.54 -8.74 11.92
N GLN C 167 -0.76 -9.63 12.89
CA GLN C 167 -0.06 -9.57 14.15
C GLN C 167 -0.16 -8.18 14.77
N VAL C 168 -1.37 -7.65 14.79
CA VAL C 168 -1.69 -6.41 15.49
C VAL C 168 -2.48 -6.79 16.73
N SER C 169 -1.86 -6.61 17.90
N SER C 169 -1.88 -6.60 17.91
CA SER C 169 -2.49 -6.98 19.16
CA SER C 169 -2.49 -7.02 19.15
C SER C 169 -3.83 -6.26 19.35
C SER C 169 -3.80 -6.27 19.40
N CYS C 170 -4.82 -7.01 19.83
CA CYS C 170 -6.10 -6.42 20.20
C CYS C 170 -6.04 -5.92 21.64
N ALA C 171 -6.18 -4.61 21.85
CA ALA C 171 -6.08 -4.15 23.22
C ALA C 171 -7.38 -4.26 24.02
N GLY C 172 -8.44 -4.81 23.43
CA GLY C 172 -9.72 -4.97 24.09
C GLY C 172 -10.83 -4.43 23.21
N LEU C 173 -12.05 -4.57 23.70
CA LEU C 173 -13.21 -3.94 23.09
C LEU C 173 -13.75 -2.82 24.00
N VAL C 174 -14.37 -1.83 23.38
CA VAL C 174 -15.20 -0.88 24.11
C VAL C 174 -16.56 -0.83 23.44
N ILE C 175 -17.62 -1.04 24.23
CA ILE C 175 -19.00 -0.80 23.82
C ILE C 175 -19.26 0.70 23.90
N GLY C 176 -19.46 1.34 22.74
CA GLY C 176 -19.46 2.79 22.71
C GLY C 176 -20.72 3.40 23.26
N SER C 177 -21.84 2.68 23.22
CA SER C 177 -23.10 3.15 23.79
C SER C 177 -23.84 2.00 24.47
N TRP C 178 -23.94 2.01 25.81
CA TRP C 178 -24.59 0.88 26.49
C TRP C 178 -25.96 1.28 27.02
N PRO C 179 -27.06 0.69 26.52
CA PRO C 179 -28.42 1.10 26.94
C PRO C 179 -28.77 0.70 28.37
N ASP C 180 -29.66 1.49 28.97
CA ASP C 180 -30.10 1.20 30.32
C ASP C 180 -31.59 1.37 30.58
N PRO C 181 -32.33 0.26 30.84
CA PRO C 181 -31.84 -1.12 30.96
C PRO C 181 -31.51 -1.68 29.58
N PRO C 182 -30.72 -2.75 29.53
CA PRO C 182 -30.44 -3.40 28.24
C PRO C 182 -31.51 -4.41 27.86
N GLY C 183 -32.09 -4.24 26.68
CA GLY C 183 -32.98 -5.23 26.10
C GLY C 183 -32.27 -6.52 25.79
N LEU C 184 -33.07 -7.53 25.40
CA LEU C 184 -32.51 -8.88 25.17
C LEU C 184 -31.34 -8.85 24.19
N VAL C 185 -31.47 -8.15 23.06
CA VAL C 185 -30.38 -8.19 22.09
C VAL C 185 -29.11 -7.60 22.69
N ALA C 186 -29.21 -6.43 23.34
CA ALA C 186 -28.04 -5.83 23.98
C ALA C 186 -27.42 -6.76 25.01
N ALA C 187 -28.22 -7.18 26.00
CA ALA C 187 -27.79 -8.14 27.01
C ALA C 187 -27.02 -9.31 26.40
N SER C 188 -27.60 -9.93 25.38
CA SER C 188 -27.00 -11.14 24.81
C SER C 188 -25.69 -10.81 24.09
N ASN C 189 -25.63 -9.67 23.40
CA ASN C 189 -24.41 -9.36 22.70
C ASN C 189 -23.27 -9.03 23.66
N ARG C 190 -23.57 -8.34 24.76
CA ARG C 190 -22.54 -8.04 25.75
C ARG C 190 -21.94 -9.31 26.33
N SER C 191 -22.78 -10.17 26.89
CA SER C 191 -22.30 -11.47 27.37
C SER C 191 -21.60 -12.24 26.26
N ALA C 192 -22.02 -12.03 25.00
CA ALA C 192 -21.34 -12.66 23.87
C ALA C 192 -20.00 -12.01 23.58
N LEU C 193 -19.93 -10.68 23.64
CA LEU C 193 -18.65 -10.03 23.40
C LEU C 193 -17.63 -10.39 24.47
N ALA C 194 -18.08 -10.52 25.72
CA ALA C 194 -17.19 -10.90 26.80
C ALA C 194 -16.64 -12.33 26.69
N ARG C 195 -17.15 -13.14 25.75
CA ARG C 195 -16.60 -14.48 25.60
C ARG C 195 -15.61 -14.53 24.45
N ILE C 196 -15.51 -13.45 23.68
CA ILE C 196 -14.50 -13.33 22.64
C ILE C 196 -13.31 -12.48 23.04
N ALA C 197 -13.52 -11.41 23.79
CA ALA C 197 -12.37 -10.61 24.15
C ALA C 197 -12.69 -9.84 25.42
N MET C 198 -11.72 -9.06 25.88
CA MET C 198 -11.97 -8.25 27.06
C MET C 198 -12.76 -7.02 26.70
N VAL C 199 -13.79 -6.77 27.51
CA VAL C 199 -14.60 -5.58 27.38
C VAL C 199 -14.04 -4.61 28.41
N ARG C 200 -13.30 -3.60 27.95
CA ARG C 200 -12.60 -2.76 28.91
C ARG C 200 -13.53 -1.71 29.50
N ALA C 201 -14.62 -1.41 28.81
CA ALA C 201 -15.58 -0.42 29.25
C ALA C 201 -16.85 -0.60 28.43
N ALA C 202 -17.98 -0.21 29.02
CA ALA C 202 -19.22 -0.01 28.30
C ALA C 202 -19.69 1.39 28.67
N LEU C 203 -19.54 2.32 27.73
CA LEU C 203 -19.86 3.70 28.03
C LEU C 203 -21.37 3.86 28.10
N PRO C 204 -21.87 4.54 29.13
CA PRO C 204 -23.31 4.80 29.25
C PRO C 204 -23.76 5.66 28.09
N ALA C 205 -24.91 5.34 27.53
CA ALA C 205 -25.39 6.13 26.40
C ALA C 205 -25.55 7.58 26.81
N GLY C 206 -25.37 8.47 25.85
CA GLY C 206 -25.37 9.89 26.06
C GLY C 206 -24.15 10.47 26.75
N ALA C 207 -23.02 9.75 26.74
CA ALA C 207 -21.81 10.24 27.37
C ALA C 207 -21.28 11.47 26.63
N ALA C 208 -21.61 11.58 25.35
CA ALA C 208 -21.13 12.64 24.49
C ALA C 208 -21.80 13.98 24.79
N SER C 209 -22.82 14.00 25.64
CA SER C 209 -23.50 15.22 26.00
C SER C 209 -23.05 15.75 27.36
N LEU C 210 -22.13 15.05 28.03
CA LEU C 210 -21.67 15.41 29.34
C LEU C 210 -20.68 16.59 29.35
N ASP C 211 -20.91 17.53 30.28
CA ASP C 211 -20.00 18.58 30.76
C ASP C 211 -18.74 17.92 31.32
N ALA C 212 -17.62 18.63 31.25
CA ALA C 212 -16.33 18.06 31.65
C ALA C 212 -16.34 17.38 33.03
N GLY C 213 -17.04 17.93 34.03
CA GLY C 213 -17.10 17.22 35.30
C GLY C 213 -17.86 15.90 35.30
N ASP C 214 -19.10 15.88 34.78
CA ASP C 214 -19.83 14.62 34.69
C ASP C 214 -19.14 13.62 33.75
N PHE C 215 -18.52 14.11 32.66
CA PHE C 215 -17.83 13.20 31.74
C PHE C 215 -16.64 12.53 32.40
N ALA C 216 -15.82 13.34 33.09
CA ALA C 216 -14.63 12.85 33.76
C ALA C 216 -14.93 11.76 34.79
N ALA C 217 -16.00 11.94 35.57
CA ALA C 217 -16.37 10.95 36.57
C ALA C 217 -16.70 9.61 35.92
N MET C 218 -17.54 9.64 34.88
CA MET C 218 -17.90 8.44 34.13
C MET C 218 -16.67 7.71 33.57
N SER C 219 -15.75 8.45 32.94
CA SER C 219 -14.56 7.84 32.37
C SER C 219 -13.73 7.11 33.43
N ALA C 220 -13.59 7.69 34.62
CA ALA C 220 -12.79 7.02 35.64
C ALA C 220 -13.51 5.77 36.14
N ALA C 221 -14.85 5.82 36.16
CA ALA C 221 -15.68 4.70 36.59
C ALA C 221 -15.80 3.62 35.51
N ALA C 222 -15.71 3.99 34.24
CA ALA C 222 -15.97 3.09 33.12
C ALA C 222 -14.84 2.08 32.86
N PHE C 223 -13.61 2.40 33.27
CA PHE C 223 -12.42 1.63 32.95
C PHE C 223 -11.84 1.03 34.24
N ASP C 224 -11.36 -0.21 34.17
CA ASP C 224 -10.58 -0.74 35.29
C ASP C 224 -9.32 0.11 35.43
N ARG C 225 -9.13 0.71 36.62
CA ARG C 225 -8.01 1.64 36.79
C ARG C 225 -6.66 0.91 36.67
N ASN C 226 -6.58 -0.34 37.16
CA ASN C 226 -5.32 -1.09 37.02
C ASN C 226 -4.92 -1.22 35.56
N TRP C 227 -5.83 -1.67 34.69
CA TRP C 227 -5.52 -1.75 33.26
C TRP C 227 -5.11 -0.41 32.69
N VAL C 228 -5.73 0.65 33.17
CA VAL C 228 -5.42 1.99 32.65
C VAL C 228 -4.00 2.36 33.06
N ALA C 229 -3.69 2.24 34.35
CA ALA C 229 -2.36 2.65 34.80
C ALA C 229 -1.25 1.70 34.32
N GLY C 230 -1.55 0.46 33.93
CA GLY C 230 -0.50 -0.31 33.29
C GLY C 230 -0.43 -0.16 31.77
N LEU C 231 -0.92 0.94 31.21
CA LEU C 231 -0.80 1.19 29.75
C LEU C 231 0.53 1.82 29.38
N VAL C 232 1.04 2.77 30.15
CA VAL C 232 2.40 3.25 29.95
C VAL C 232 3.40 2.34 30.64
N GLY C 233 4.61 2.36 30.10
CA GLY C 233 5.68 1.46 30.50
C GLY C 233 6.62 2.15 31.44
N HIS D 6 -18.35 -35.68 -11.69
CA HIS D 6 -18.65 -34.74 -10.61
C HIS D 6 -20.16 -34.61 -10.28
N GLY D 7 -20.50 -33.41 -9.78
CA GLY D 7 -21.74 -33.05 -9.13
C GLY D 7 -22.25 -31.70 -9.63
N GLY D 8 -23.16 -31.12 -8.85
CA GLY D 8 -23.73 -29.82 -9.17
C GLY D 8 -22.93 -28.70 -8.51
N THR D 9 -23.49 -27.50 -8.49
CA THR D 9 -22.78 -26.33 -7.95
C THR D 9 -23.42 -25.87 -6.64
N ILE D 10 -22.61 -25.70 -5.60
CA ILE D 10 -23.12 -25.17 -4.34
C ILE D 10 -22.56 -23.76 -4.18
N LEU D 11 -23.43 -22.79 -3.90
CA LEU D 11 -23.05 -21.39 -3.62
C LEU D 11 -23.67 -20.92 -2.34
N VAL D 12 -22.85 -20.66 -1.32
CA VAL D 12 -23.35 -19.97 -0.14
C VAL D 12 -23.50 -18.48 -0.47
N VAL D 13 -24.61 -17.92 -0.01
CA VAL D 13 -24.94 -16.53 -0.26
C VAL D 13 -24.83 -15.85 1.10
N THR D 14 -23.73 -15.14 1.31
CA THR D 14 -23.49 -14.49 2.60
C THR D 14 -23.65 -12.98 2.42
N GLY D 15 -23.46 -12.27 3.53
CA GLY D 15 -23.61 -10.84 3.54
C GLY D 15 -22.64 -10.23 4.54
N THR D 16 -22.40 -8.94 4.38
CA THR D 16 -21.54 -8.30 5.36
C THR D 16 -22.25 -8.09 6.68
N GLY D 17 -23.55 -8.36 6.74
CA GLY D 17 -24.29 -8.18 7.98
C GLY D 17 -25.75 -8.53 7.80
N THR D 18 -26.56 -8.07 8.75
CA THR D 18 -28.00 -8.28 8.71
C THR D 18 -28.74 -7.18 7.95
N GLY D 19 -29.60 -7.59 7.01
CA GLY D 19 -30.45 -6.59 6.37
C GLY D 19 -29.90 -5.99 5.09
N VAL D 20 -28.82 -6.57 4.58
CA VAL D 20 -28.15 -6.05 3.41
C VAL D 20 -28.83 -6.48 2.12
N GLY D 21 -29.78 -7.39 2.20
CA GLY D 21 -30.52 -7.87 1.06
C GLY D 21 -30.14 -9.28 0.64
N LYS D 22 -29.73 -10.14 1.57
CA LYS D 22 -29.27 -11.47 1.15
C LYS D 22 -30.43 -12.29 0.56
N THR D 23 -31.58 -12.26 1.23
CA THR D 23 -32.70 -13.07 0.77
C THR D 23 -33.18 -12.64 -0.61
N VAL D 24 -33.31 -11.33 -0.85
CA VAL D 24 -33.80 -10.90 -2.17
C VAL D 24 -32.77 -11.24 -3.24
N VAL D 25 -31.49 -11.22 -2.89
CA VAL D 25 -30.50 -11.56 -3.89
C VAL D 25 -30.54 -13.05 -4.19
N CYS D 26 -30.75 -13.89 -3.16
CA CYS D 26 -30.99 -15.30 -3.41
C CYS D 26 -32.11 -15.48 -4.42
N ALA D 27 -33.18 -14.72 -4.25
CA ALA D 27 -34.31 -14.79 -5.17
C ALA D 27 -33.92 -14.33 -6.57
N ALA D 28 -33.28 -13.16 -6.69
CA ALA D 28 -32.93 -12.65 -8.02
C ALA D 28 -32.02 -13.62 -8.75
N LEU D 29 -31.04 -14.19 -8.05
CA LEU D 29 -30.15 -15.15 -8.70
C LEU D 29 -30.89 -16.46 -9.05
N ALA D 30 -31.70 -16.98 -8.13
CA ALA D 30 -32.53 -18.15 -8.46
C ALA D 30 -33.37 -17.92 -9.71
N SER D 31 -34.10 -16.80 -9.77
CA SER D 31 -34.91 -16.47 -10.93
C SER D 31 -34.06 -16.37 -12.20
N ALA D 32 -32.90 -15.75 -12.10
CA ALA D 32 -32.06 -15.59 -13.27
C ALA D 32 -31.57 -16.95 -13.76
N ALA D 33 -31.19 -17.82 -12.83
CA ALA D 33 -30.74 -19.16 -13.21
C ALA D 33 -31.89 -19.99 -13.77
N ARG D 34 -33.04 -19.99 -13.09
CA ARG D 34 -34.20 -20.72 -13.62
C ARG D 34 -34.53 -20.30 -15.05
N GLN D 35 -34.51 -19.00 -15.32
CA GLN D 35 -34.80 -18.53 -16.66
C GLN D 35 -33.75 -18.99 -17.64
N ALA D 36 -32.54 -19.28 -17.17
CA ALA D 36 -31.49 -19.82 -18.00
C ALA D 36 -31.56 -21.34 -18.15
N GLY D 37 -32.61 -21.99 -17.62
CA GLY D 37 -32.76 -23.42 -17.75
C GLY D 37 -32.09 -24.25 -16.68
N ILE D 38 -31.68 -23.62 -15.59
CA ILE D 38 -30.94 -24.30 -14.54
C ILE D 38 -31.93 -24.70 -13.46
N ASP D 39 -31.81 -25.92 -12.97
CA ASP D 39 -32.61 -26.33 -11.82
C ASP D 39 -32.03 -25.71 -10.56
N VAL D 40 -32.88 -25.23 -9.68
CA VAL D 40 -32.47 -24.40 -8.55
C VAL D 40 -33.12 -24.92 -7.29
N ALA D 41 -32.30 -25.08 -6.27
CA ALA D 41 -32.71 -25.35 -4.91
C ALA D 41 -32.12 -24.24 -4.04
N VAL D 42 -32.73 -24.03 -2.89
CA VAL D 42 -32.30 -23.00 -1.95
C VAL D 42 -32.42 -23.65 -0.57
N CYS D 43 -31.31 -23.67 0.16
CA CYS D 43 -31.27 -24.18 1.53
C CYS D 43 -31.02 -23.02 2.47
N LYS D 44 -31.94 -22.82 3.41
CA LYS D 44 -31.72 -21.98 4.59
C LYS D 44 -31.78 -22.79 5.89
N PRO D 45 -30.65 -23.30 6.37
CA PRO D 45 -30.72 -24.24 7.50
C PRO D 45 -31.34 -23.69 8.76
N VAL D 46 -31.06 -22.44 9.13
CA VAL D 46 -31.59 -21.81 10.34
C VAL D 46 -32.34 -20.55 9.96
N GLN D 47 -33.57 -20.44 10.45
CA GLN D 47 -34.45 -19.29 10.22
C GLN D 47 -34.87 -18.76 11.59
N THR D 48 -34.56 -17.49 11.88
CA THR D 48 -35.05 -16.88 13.11
C THR D 48 -36.13 -15.87 12.77
N GLY D 49 -36.68 -15.25 13.82
CA GLY D 49 -37.74 -14.28 13.62
C GLY D 49 -39.05 -14.84 13.15
N THR D 50 -39.34 -16.10 13.42
CA THR D 50 -40.59 -16.65 12.89
C THR D 50 -41.82 -16.15 13.65
N ALA D 51 -41.67 -15.64 14.87
CA ALA D 51 -42.83 -15.12 15.58
C ALA D 51 -43.49 -13.96 14.85
N ARG D 52 -42.68 -13.09 14.26
CA ARG D 52 -43.18 -11.99 13.47
C ARG D 52 -43.40 -12.37 12.02
N GLY D 53 -43.20 -13.63 11.66
CA GLY D 53 -43.50 -14.08 10.31
C GLY D 53 -42.33 -14.20 9.36
N ASP D 54 -41.09 -14.07 9.84
CA ASP D 54 -39.97 -14.19 8.92
C ASP D 54 -39.92 -15.61 8.39
N ASP D 55 -39.82 -15.72 7.07
CA ASP D 55 -39.74 -17.02 6.41
C ASP D 55 -39.04 -16.73 5.08
N ASP D 56 -37.73 -16.76 5.11
CA ASP D 56 -36.95 -16.42 3.93
C ASP D 56 -37.23 -17.36 2.76
N LEU D 57 -37.36 -18.66 3.03
CA LEU D 57 -37.61 -19.62 1.96
C LEU D 57 -38.91 -19.30 1.22
N ALA D 58 -39.97 -19.00 1.98
CA ALA D 58 -41.25 -18.61 1.39
C ALA D 58 -41.10 -17.38 0.52
N GLU D 59 -40.33 -16.40 1.00
CA GLU D 59 -40.08 -15.20 0.21
C GLU D 59 -39.42 -15.59 -1.12
N VAL D 60 -38.44 -16.49 -1.07
CA VAL D 60 -37.77 -16.98 -2.28
C VAL D 60 -38.72 -17.75 -3.21
N GLY D 61 -39.49 -18.69 -2.66
CA GLY D 61 -40.47 -19.40 -3.47
C GLY D 61 -41.46 -18.48 -4.15
N ARG D 62 -41.88 -17.43 -3.45
CA ARG D 62 -42.86 -16.51 -4.00
C ARG D 62 -42.28 -15.69 -5.16
N LEU D 63 -41.06 -15.18 -5.00
CA LEU D 63 -40.50 -14.30 -6.03
C LEU D 63 -39.91 -15.08 -7.19
N ALA D 64 -39.32 -16.25 -6.92
CA ALA D 64 -38.57 -16.97 -7.95
C ALA D 64 -39.20 -18.29 -8.36
N GLY D 65 -40.23 -18.77 -7.64
CA GLY D 65 -40.91 -20.00 -7.98
C GLY D 65 -40.10 -21.26 -7.76
N VAL D 66 -39.00 -21.18 -7.01
CA VAL D 66 -38.30 -22.35 -6.51
C VAL D 66 -39.24 -23.22 -5.71
N THR D 67 -39.19 -24.52 -5.95
CA THR D 67 -39.94 -25.44 -5.11
C THR D 67 -39.04 -26.21 -4.17
N GLN D 68 -37.79 -26.41 -4.54
CA GLN D 68 -36.89 -27.16 -3.66
C GLN D 68 -36.37 -26.20 -2.57
N LEU D 69 -37.10 -26.13 -1.47
CA LEU D 69 -36.88 -25.14 -0.40
C LEU D 69 -36.69 -25.93 0.89
N ALA D 70 -35.44 -26.07 1.33
CA ALA D 70 -35.03 -26.96 2.42
C ALA D 70 -34.59 -26.17 3.65
N GLY D 71 -34.95 -26.65 4.84
CA GLY D 71 -34.56 -26.00 6.08
C GLY D 71 -34.64 -26.95 7.25
N LEU D 72 -33.90 -26.62 8.33
CA LEU D 72 -33.75 -27.51 9.48
C LEU D 72 -34.30 -26.96 10.80
N ALA D 73 -34.34 -25.64 10.98
CA ALA D 73 -34.70 -25.09 12.29
C ALA D 73 -35.38 -23.72 12.19
N ARG D 74 -36.33 -23.48 13.08
CA ARG D 74 -37.03 -22.21 13.15
C ARG D 74 -37.09 -21.74 14.60
N TYR D 75 -36.71 -20.48 14.84
CA TYR D 75 -36.66 -19.84 16.16
C TYR D 75 -37.51 -18.58 16.17
N PRO D 76 -38.43 -18.45 17.15
CA PRO D 76 -39.36 -17.32 17.10
C PRO D 76 -38.70 -15.96 17.16
N GLN D 77 -37.72 -15.77 18.05
CA GLN D 77 -37.19 -14.43 18.34
C GLN D 77 -36.35 -13.90 17.17
N PRO D 78 -36.48 -12.61 16.83
CA PRO D 78 -35.63 -12.00 15.77
C PRO D 78 -34.24 -11.67 16.30
N MET D 79 -33.44 -12.71 16.54
CA MET D 79 -32.09 -12.62 17.15
C MET D 79 -31.14 -13.47 16.32
N ALA D 80 -29.89 -13.46 16.74
CA ALA D 80 -28.88 -14.37 16.23
C ALA D 80 -29.29 -15.81 16.46
N PRO D 81 -29.05 -16.73 15.51
CA PRO D 81 -29.35 -18.14 15.78
C PRO D 81 -28.97 -18.61 17.17
N ALA D 82 -27.76 -18.31 17.64
CA ALA D 82 -27.34 -18.73 18.98
C ALA D 82 -28.24 -18.11 20.04
N ALA D 83 -28.49 -16.80 19.94
CA ALA D 83 -29.28 -16.14 20.96
C ALA D 83 -30.75 -16.55 20.88
N ALA D 84 -31.27 -16.72 19.66
CA ALA D 84 -32.64 -17.20 19.49
C ALA D 84 -32.83 -18.59 20.09
N ALA D 85 -31.88 -19.48 19.84
CA ALA D 85 -31.94 -20.82 20.41
C ALA D 85 -31.89 -20.77 21.94
N GLU D 86 -31.00 -19.93 22.50
CA GLU D 86 -30.89 -19.86 23.95
C GLU D 86 -32.15 -19.29 24.56
N HIS D 87 -32.69 -18.24 23.93
CA HIS D 87 -33.97 -17.70 24.38
C HIS D 87 -35.04 -18.80 24.38
N ALA D 88 -35.08 -19.62 23.31
CA ALA D 88 -36.10 -20.67 23.21
C ALA D 88 -35.78 -21.88 24.09
N GLY D 89 -34.57 -21.95 24.64
CA GLY D 89 -34.17 -23.08 25.47
C GLY D 89 -33.86 -24.35 24.71
N MET D 90 -33.51 -24.25 23.42
CA MET D 90 -33.21 -25.37 22.52
C MET D 90 -31.92 -25.11 21.76
N ALA D 91 -31.17 -26.19 21.47
CA ALA D 91 -29.92 -26.08 20.73
C ALA D 91 -30.17 -25.79 19.23
N LEU D 92 -29.15 -25.20 18.60
CA LEU D 92 -29.05 -25.13 17.15
C LEU D 92 -28.90 -26.55 16.60
N PRO D 93 -29.08 -26.75 15.29
CA PRO D 93 -28.77 -28.06 14.70
C PRO D 93 -27.28 -28.32 14.80
N ALA D 94 -26.90 -29.58 14.57
CA ALA D 94 -25.50 -29.97 14.55
C ALA D 94 -24.87 -29.72 13.18
N ARG D 95 -23.53 -29.70 13.16
CA ARG D 95 -22.81 -29.41 11.92
C ARG D 95 -23.13 -30.43 10.82
N ASP D 96 -23.02 -31.73 11.13
CA ASP D 96 -23.27 -32.72 10.08
C ASP D 96 -24.66 -32.50 9.49
N GLN D 97 -25.66 -32.16 10.33
CA GLN D 97 -27.02 -32.07 9.81
C GLN D 97 -27.02 -31.06 8.69
N ILE D 98 -26.31 -29.95 8.88
CA ILE D 98 -26.29 -28.87 7.90
C ILE D 98 -25.60 -29.31 6.61
N VAL D 99 -24.38 -29.86 6.74
CA VAL D 99 -23.60 -30.22 5.56
C VAL D 99 -24.22 -31.40 4.81
N ARG D 100 -24.75 -32.39 5.53
CA ARG D 100 -25.40 -33.56 4.91
C ARG D 100 -26.66 -33.11 4.15
N LEU D 101 -27.46 -32.22 4.76
CA LEU D 101 -28.61 -31.64 4.07
C LEU D 101 -28.21 -31.02 2.73
N ILE D 102 -27.17 -30.18 2.75
CA ILE D 102 -26.74 -29.51 1.52
C ILE D 102 -26.23 -30.52 0.50
N ALA D 103 -25.40 -31.47 0.93
CA ALA D 103 -24.84 -32.44 0.00
C ALA D 103 -25.92 -33.33 -0.60
N ASP D 104 -27.03 -33.53 0.12
CA ASP D 104 -28.11 -34.36 -0.45
C ASP D 104 -28.94 -33.58 -1.45
N LEU D 105 -28.99 -32.24 -1.34
CA LEU D 105 -29.63 -31.43 -2.36
C LEU D 105 -28.82 -31.39 -3.65
N ASP D 106 -27.51 -31.51 -3.54
CA ASP D 106 -26.62 -31.28 -4.66
C ASP D 106 -26.78 -32.41 -5.66
N ARG D 107 -26.96 -32.06 -6.93
CA ARG D 107 -27.10 -33.04 -8.00
C ARG D 107 -26.65 -32.39 -9.31
N PRO D 108 -26.26 -33.21 -10.29
CA PRO D 108 -25.75 -32.66 -11.57
C PRO D 108 -26.77 -31.80 -12.30
N GLY D 109 -26.34 -30.62 -12.75
CA GLY D 109 -27.23 -29.71 -13.41
C GLY D 109 -27.99 -28.76 -12.53
N ARG D 110 -27.73 -28.75 -11.23
CA ARG D 110 -28.48 -27.94 -10.27
C ARG D 110 -27.58 -26.92 -9.57
N LEU D 111 -28.04 -25.66 -9.52
CA LEU D 111 -27.45 -24.64 -8.65
C LEU D 111 -28.17 -24.70 -7.30
N THR D 112 -27.40 -24.95 -6.25
CA THR D 112 -27.91 -24.99 -4.88
C THR D 112 -27.38 -23.78 -4.11
N LEU D 113 -28.28 -22.89 -3.70
CA LEU D 113 -27.95 -21.73 -2.89
C LEU D 113 -28.15 -22.02 -1.41
N VAL D 114 -27.17 -21.63 -0.59
CA VAL D 114 -27.21 -21.78 0.86
C VAL D 114 -27.23 -20.39 1.48
N GLU D 115 -28.30 -20.07 2.20
CA GLU D 115 -28.43 -18.76 2.84
C GLU D 115 -28.13 -18.90 4.32
N GLY D 116 -27.18 -18.11 4.80
CA GLY D 116 -26.90 -18.05 6.23
C GLY D 116 -27.86 -17.12 6.94
N ALA D 117 -27.53 -16.86 8.20
CA ALA D 117 -28.24 -15.91 9.05
C ALA D 117 -27.33 -14.74 9.38
N GLY D 118 -27.57 -13.60 8.79
CA GLY D 118 -26.74 -12.44 9.10
C GLY D 118 -25.43 -12.58 8.43
N GLY D 119 -24.36 -12.18 9.13
CA GLY D 119 -23.03 -12.12 8.57
C GLY D 119 -22.30 -13.45 8.42
N LEU D 120 -21.08 -13.35 7.90
CA LEU D 120 -20.27 -14.52 7.54
C LEU D 120 -19.93 -15.37 8.76
N LEU D 121 -19.65 -14.72 9.89
CA LEU D 121 -19.10 -15.43 11.04
C LEU D 121 -20.16 -15.68 12.09
N VAL D 122 -21.43 -15.51 11.74
CA VAL D 122 -22.53 -15.92 12.63
C VAL D 122 -22.53 -17.41 12.85
N GLU D 123 -22.63 -17.81 14.12
CA GLU D 123 -22.72 -19.22 14.49
C GLU D 123 -24.02 -19.83 13.95
N LEU D 124 -23.92 -20.94 13.24
CA LEU D 124 -25.13 -21.59 12.75
C LEU D 124 -25.34 -22.94 13.41
N ALA D 125 -24.25 -23.55 13.88
CA ALA D 125 -24.28 -24.81 14.60
C ALA D 125 -23.26 -24.72 15.73
N GLU D 126 -23.47 -25.46 16.79
CA GLU D 126 -22.42 -25.44 17.81
C GLU D 126 -21.36 -26.49 17.52
N PRO D 127 -20.09 -26.28 17.92
CA PRO D 127 -19.58 -25.13 18.62
C PRO D 127 -18.95 -24.13 17.65
N GLY D 128 -19.58 -22.97 17.52
CA GLY D 128 -19.06 -21.92 16.68
C GLY D 128 -18.98 -22.23 15.20
N VAL D 129 -19.86 -23.09 14.68
CA VAL D 129 -19.76 -23.44 13.27
C VAL D 129 -20.45 -22.34 12.48
N THR D 130 -19.82 -21.89 11.40
CA THR D 130 -20.31 -20.75 10.62
C THR D 130 -20.58 -21.17 9.18
N LEU D 131 -21.21 -20.26 8.43
CA LEU D 131 -21.37 -20.47 7.00
C LEU D 131 -20.03 -20.55 6.27
N ARG D 132 -18.98 -19.96 6.85
CA ARG D 132 -17.65 -20.11 6.23
C ARG D 132 -17.17 -21.54 6.40
N ASP D 133 -17.31 -22.08 7.61
CA ASP D 133 -16.99 -23.49 7.87
C ASP D 133 -17.77 -24.43 6.98
N VAL D 134 -19.04 -24.10 6.70
CA VAL D 134 -19.88 -24.97 5.88
C VAL D 134 -19.42 -24.92 4.43
N ALA D 135 -18.91 -23.78 4.00
CA ALA D 135 -18.50 -23.61 2.62
C ALA D 135 -17.27 -24.42 2.32
N VAL D 136 -16.32 -24.46 3.27
CA VAL D 136 -15.15 -25.31 3.10
C VAL D 136 -15.58 -26.77 2.96
N ASP D 137 -16.50 -27.22 3.83
CA ASP D 137 -16.82 -28.64 3.94
C ASP D 137 -17.57 -29.24 2.75
N VAL D 138 -18.27 -28.43 1.97
CA VAL D 138 -18.99 -28.88 0.79
C VAL D 138 -18.33 -28.31 -0.46
N ALA D 139 -17.21 -27.62 -0.28
CA ALA D 139 -16.49 -27.00 -1.37
C ALA D 139 -17.37 -26.03 -2.15
N ALA D 140 -18.03 -25.13 -1.43
CA ALA D 140 -18.80 -24.09 -2.10
C ALA D 140 -17.98 -22.79 -2.22
N ALA D 141 -18.21 -22.08 -3.31
CA ALA D 141 -17.75 -20.70 -3.37
C ALA D 141 -18.73 -19.83 -2.58
N ALA D 142 -18.37 -18.56 -2.41
CA ALA D 142 -19.20 -17.60 -1.68
C ALA D 142 -19.55 -16.37 -2.52
N LEU D 143 -20.84 -16.09 -2.61
CA LEU D 143 -21.40 -14.81 -3.08
C LEU D 143 -21.67 -13.86 -1.92
N VAL D 144 -21.10 -12.64 -1.98
CA VAL D 144 -21.18 -11.66 -0.89
C VAL D 144 -22.14 -10.51 -1.22
N VAL D 145 -23.18 -10.35 -0.41
CA VAL D 145 -24.16 -9.30 -0.63
C VAL D 145 -23.76 -8.13 0.25
N VAL D 146 -23.68 -6.93 -0.33
CA VAL D 146 -23.17 -5.72 0.31
C VAL D 146 -24.22 -4.63 0.12
N THR D 147 -24.10 -3.56 0.92
CA THR D 147 -24.86 -2.32 0.72
C THR D 147 -24.06 -1.28 -0.06
N ALA D 148 -24.78 -0.28 -0.55
CA ALA D 148 -24.17 0.89 -1.16
C ALA D 148 -23.97 2.01 -0.14
N ASP D 149 -24.12 1.70 1.15
CA ASP D 149 -24.12 2.77 2.11
C ASP D 149 -22.75 3.02 2.69
N LEU D 150 -22.62 4.26 3.17
CA LEU D 150 -21.45 4.72 3.86
C LEU D 150 -21.05 3.66 4.88
N GLY D 151 -19.81 3.17 4.80
CA GLY D 151 -19.38 2.09 5.66
C GLY D 151 -19.25 0.74 4.98
N THR D 152 -19.81 0.60 3.77
CA THR D 152 -19.84 -0.70 3.08
C THR D 152 -18.47 -1.26 2.68
N LEU D 153 -17.49 -0.41 2.35
CA LEU D 153 -16.20 -0.91 1.88
C LEU D 153 -15.45 -1.64 2.99
N ASN D 154 -15.39 -1.06 4.18
CA ASN D 154 -14.72 -1.72 5.31
C ASN D 154 -15.33 -3.10 5.59
N HIS D 155 -16.67 -3.16 5.66
CA HIS D 155 -17.36 -4.40 5.90
C HIS D 155 -17.13 -5.42 4.78
N THR D 156 -17.09 -4.95 3.53
CA THR D 156 -16.85 -5.83 2.40
C THR D 156 -15.42 -6.37 2.44
N LYS D 157 -14.45 -5.48 2.65
CA LYS D 157 -13.06 -5.91 2.73
C LYS D 157 -12.86 -6.93 3.85
N LEU D 158 -13.44 -6.66 5.02
CA LEU D 158 -13.38 -7.61 6.14
C LEU D 158 -13.98 -8.97 5.74
N THR D 159 -15.07 -8.99 4.98
CA THR D 159 -15.74 -10.24 4.68
C THR D 159 -14.95 -11.05 3.65
N LEU D 160 -14.30 -10.36 2.70
CA LEU D 160 -13.45 -11.06 1.73
C LEU D 160 -12.17 -11.60 2.37
N GLU D 161 -11.53 -10.82 3.24
N GLU D 161 -11.53 -10.82 3.24
CA GLU D 161 -10.35 -11.33 3.92
CA GLU D 161 -10.35 -11.35 3.91
C GLU D 161 -10.69 -12.58 4.73
C GLU D 161 -10.70 -12.59 4.71
N ALA D 162 -11.86 -12.58 5.36
CA ALA D 162 -12.27 -13.75 6.12
C ALA D 162 -12.43 -14.96 5.18
N LEU D 163 -13.03 -14.74 4.01
CA LEU D 163 -13.17 -15.79 3.01
C LEU D 163 -11.80 -16.31 2.54
N ALA D 164 -10.89 -15.38 2.19
CA ALA D 164 -9.62 -15.82 1.61
C ALA D 164 -8.75 -16.54 2.62
N ALA D 165 -8.89 -16.18 3.89
CA ALA D 165 -8.08 -16.80 4.95
C ALA D 165 -8.36 -18.29 5.07
N GLN D 166 -9.54 -18.75 4.66
CA GLN D 166 -9.88 -20.17 4.67
C GLN D 166 -10.06 -20.77 3.28
N GLN D 167 -9.48 -20.17 2.25
CA GLN D 167 -9.49 -20.69 0.88
C GLN D 167 -10.91 -20.98 0.40
N VAL D 168 -11.83 -20.08 0.68
CA VAL D 168 -13.19 -20.17 0.17
C VAL D 168 -13.30 -19.18 -0.97
N SER D 169 -13.49 -19.71 -2.17
CA SER D 169 -13.48 -18.86 -3.34
C SER D 169 -14.55 -17.77 -3.21
N CYS D 170 -14.20 -16.57 -3.65
CA CYS D 170 -15.17 -15.47 -3.70
C CYS D 170 -15.81 -15.45 -5.07
N ALA D 171 -17.11 -15.75 -5.12
CA ALA D 171 -17.83 -15.74 -6.38
C ALA D 171 -18.23 -14.35 -6.87
N GLY D 172 -18.07 -13.30 -6.08
CA GLY D 172 -18.39 -11.95 -6.49
C GLY D 172 -19.22 -11.22 -5.44
N LEU D 173 -19.65 -10.03 -5.80
CA LEU D 173 -20.49 -9.20 -4.95
C LEU D 173 -21.86 -8.97 -5.58
N VAL D 174 -22.85 -8.72 -4.73
CA VAL D 174 -24.14 -8.18 -5.22
C VAL D 174 -24.56 -7.07 -4.28
N ILE D 175 -24.92 -5.94 -4.86
CA ILE D 175 -25.54 -4.84 -4.10
C ILE D 175 -27.03 -5.10 -3.94
N GLY D 176 -27.45 -5.32 -2.69
CA GLY D 176 -28.81 -5.72 -2.42
C GLY D 176 -29.80 -4.69 -2.89
N SER D 177 -29.58 -3.41 -2.54
CA SER D 177 -30.50 -2.33 -2.92
C SER D 177 -29.68 -1.20 -3.55
N TRP D 178 -30.00 -0.89 -4.81
CA TRP D 178 -29.32 0.16 -5.59
C TRP D 178 -30.29 1.29 -5.88
N PRO D 179 -29.95 2.52 -5.48
CA PRO D 179 -30.93 3.60 -5.54
C PRO D 179 -31.04 4.22 -6.91
N ASP D 180 -32.17 4.86 -7.09
CA ASP D 180 -32.52 5.62 -8.28
C ASP D 180 -33.10 6.97 -7.90
N PRO D 181 -32.35 8.06 -8.06
CA PRO D 181 -31.02 8.12 -8.65
C PRO D 181 -30.05 7.91 -7.50
N PRO D 182 -28.83 7.48 -7.78
CA PRO D 182 -27.83 7.29 -6.71
C PRO D 182 -27.17 8.57 -6.21
N GLY D 183 -27.13 8.74 -4.88
CA GLY D 183 -26.45 9.88 -4.27
C GLY D 183 -24.93 9.87 -4.46
N LEU D 184 -24.24 10.74 -3.70
CA LEU D 184 -22.79 10.83 -3.84
C LEU D 184 -22.08 9.63 -3.22
N VAL D 185 -22.51 9.24 -2.00
CA VAL D 185 -21.96 8.09 -1.30
C VAL D 185 -22.23 6.80 -2.10
N ALA D 186 -23.49 6.59 -2.48
CA ALA D 186 -23.85 5.33 -3.11
C ALA D 186 -23.10 5.15 -4.42
N ALA D 187 -23.08 6.19 -5.26
CA ALA D 187 -22.39 6.13 -6.54
C ALA D 187 -20.89 5.92 -6.34
N SER D 188 -20.32 6.58 -5.33
CA SER D 188 -18.91 6.41 -5.01
C SER D 188 -18.62 4.99 -4.57
N ASN D 189 -19.44 4.46 -3.67
CA ASN D 189 -19.20 3.12 -3.16
C ASN D 189 -19.26 2.09 -4.28
N ARG D 190 -20.18 2.27 -5.24
CA ARG D 190 -20.28 1.37 -6.39
C ARG D 190 -18.98 1.30 -7.19
N SER D 191 -18.39 2.45 -7.47
CA SER D 191 -17.10 2.51 -8.13
C SER D 191 -16.02 1.79 -7.32
N ALA D 192 -15.90 2.16 -6.04
CA ALA D 192 -14.92 1.54 -5.15
C ALA D 192 -15.18 0.04 -4.96
N LEU D 193 -16.44 -0.37 -4.94
CA LEU D 193 -16.69 -1.79 -4.72
C LEU D 193 -16.20 -2.57 -5.92
N ALA D 194 -16.44 -2.07 -7.13
CA ALA D 194 -15.96 -2.72 -8.35
C ALA D 194 -14.44 -2.86 -8.44
N ARG D 195 -13.65 -1.98 -7.82
CA ARG D 195 -12.20 -2.21 -7.91
C ARG D 195 -11.80 -3.36 -6.99
N ILE D 196 -12.63 -3.70 -6.02
CA ILE D 196 -12.30 -4.78 -5.11
C ILE D 196 -12.66 -6.14 -5.72
N ALA D 197 -13.83 -6.29 -6.31
CA ALA D 197 -14.23 -7.56 -6.89
C ALA D 197 -15.32 -7.29 -7.89
N MET D 198 -15.67 -8.34 -8.64
CA MET D 198 -16.76 -8.22 -9.62
C MET D 198 -18.08 -7.93 -8.88
N VAL D 199 -18.80 -6.93 -9.38
CA VAL D 199 -20.17 -6.68 -8.98
C VAL D 199 -21.01 -7.46 -9.95
N ARG D 200 -21.78 -8.42 -9.43
CA ARG D 200 -22.54 -9.28 -10.33
C ARG D 200 -23.86 -8.67 -10.69
N ALA D 201 -24.39 -7.82 -9.81
CA ALA D 201 -25.71 -7.24 -9.97
C ALA D 201 -25.88 -6.15 -8.92
N ALA D 202 -26.76 -5.23 -9.23
CA ALA D 202 -27.17 -4.15 -8.35
C ALA D 202 -28.68 -4.12 -8.49
N LEU D 203 -29.37 -4.52 -7.48
CA LEU D 203 -30.77 -4.84 -7.60
C LEU D 203 -31.53 -3.56 -7.27
N PRO D 204 -32.54 -3.18 -8.07
CA PRO D 204 -33.26 -1.92 -7.82
C PRO D 204 -33.85 -2.04 -6.41
N ALA D 205 -33.88 -0.91 -5.72
CA ALA D 205 -34.32 -0.85 -4.32
C ALA D 205 -35.67 -1.48 -4.02
N GLY D 206 -36.63 -1.40 -4.92
CA GLY D 206 -37.92 -1.98 -4.62
C GLY D 206 -38.01 -3.44 -5.03
N ALA D 207 -36.87 -4.14 -5.16
CA ALA D 207 -36.93 -5.53 -5.61
C ALA D 207 -37.72 -6.48 -4.71
N ALA D 208 -37.75 -6.26 -3.40
CA ALA D 208 -38.44 -7.26 -2.58
C ALA D 208 -39.96 -7.17 -2.71
N SER D 209 -40.47 -6.09 -3.29
CA SER D 209 -41.89 -5.85 -3.44
C SER D 209 -42.42 -6.11 -4.84
N LEU D 210 -41.56 -6.54 -5.77
CA LEU D 210 -42.05 -6.83 -7.12
C LEU D 210 -42.90 -8.12 -7.12
N ASP D 211 -43.89 -8.20 -8.02
CA ASP D 211 -44.68 -9.42 -8.27
C ASP D 211 -43.83 -10.41 -9.07
N ALA D 212 -44.05 -11.70 -8.82
CA ALA D 212 -43.20 -12.75 -9.39
C ALA D 212 -42.95 -12.61 -10.90
N GLY D 213 -43.83 -11.95 -11.65
CA GLY D 213 -43.53 -11.68 -13.04
C GLY D 213 -42.51 -10.58 -13.25
N ASP D 214 -42.71 -9.50 -12.52
CA ASP D 214 -41.89 -8.30 -12.64
C ASP D 214 -40.51 -8.53 -12.03
N PHE D 215 -40.46 -9.33 -10.96
CA PHE D 215 -39.21 -9.69 -10.30
C PHE D 215 -38.31 -10.47 -11.26
N ALA D 216 -38.92 -11.36 -12.05
CA ALA D 216 -38.16 -12.14 -13.02
C ALA D 216 -37.53 -11.27 -14.12
N ALA D 217 -38.30 -10.30 -14.64
CA ALA D 217 -37.73 -9.39 -15.63
C ALA D 217 -36.50 -8.67 -15.08
N MET D 218 -36.66 -8.10 -13.89
CA MET D 218 -35.56 -7.44 -13.19
C MET D 218 -34.39 -8.40 -12.99
N SER D 219 -34.70 -9.63 -12.58
CA SER D 219 -33.64 -10.58 -12.25
C SER D 219 -32.83 -10.92 -13.50
N ALA D 220 -33.52 -11.21 -14.61
CA ALA D 220 -32.80 -11.51 -15.83
C ALA D 220 -32.02 -10.28 -16.32
N ALA D 221 -32.54 -9.07 -16.07
CA ALA D 221 -31.82 -7.86 -16.45
C ALA D 221 -30.65 -7.55 -15.51
N ALA D 222 -30.69 -8.00 -14.27
CA ALA D 222 -29.75 -7.55 -13.26
C ALA D 222 -28.38 -8.20 -13.43
N PHE D 223 -28.36 -9.49 -13.77
CA PHE D 223 -27.14 -10.27 -13.92
C PHE D 223 -26.73 -10.38 -15.37
N ASP D 224 -25.47 -10.73 -15.57
CA ASP D 224 -24.93 -11.05 -16.88
C ASP D 224 -25.30 -12.48 -17.25
N ARG D 225 -26.03 -12.63 -18.36
CA ARG D 225 -26.58 -13.94 -18.73
C ARG D 225 -25.48 -14.98 -18.91
N ASN D 226 -24.35 -14.59 -19.50
CA ASN D 226 -23.21 -15.50 -19.65
C ASN D 226 -22.60 -15.94 -18.32
N TRP D 227 -22.47 -15.05 -17.34
CA TRP D 227 -21.99 -15.47 -16.02
C TRP D 227 -22.93 -16.48 -15.33
N VAL D 228 -24.22 -16.20 -15.28
CA VAL D 228 -25.20 -17.10 -14.67
C VAL D 228 -25.09 -18.50 -15.25
N ALA D 229 -25.14 -18.61 -16.57
CA ALA D 229 -25.11 -19.92 -17.23
C ALA D 229 -23.80 -20.65 -16.96
N GLY D 230 -22.73 -19.93 -16.66
CA GLY D 230 -21.45 -20.55 -16.39
C GLY D 230 -21.39 -21.29 -15.08
N LEU D 231 -22.25 -20.95 -14.14
CA LEU D 231 -22.31 -21.61 -12.84
C LEU D 231 -22.65 -23.10 -12.95
N VAL D 232 -23.28 -23.55 -14.03
CA VAL D 232 -23.62 -24.99 -14.23
C VAL D 232 -24.30 -25.40 -12.95
C14 KUD E . 27.76 -7.30 -14.47
O16 KUD E . 23.65 -7.27 -15.32
C13 KUD E . 27.94 -6.94 -15.75
C12 KUD E . 26.66 -6.11 -16.16
C10 KUD E . 25.72 -6.19 -14.82
C01 KUD E . 21.85 -3.57 -17.06
C02 KUD E . 22.66 -2.31 -16.84
C03 KUD E . 23.98 -2.35 -16.11
C04 KUD E . 24.50 -3.69 -15.61
C05 KUD E . 23.67 -4.94 -15.82
C06 KUD E . 22.34 -4.90 -16.56
C07 KUD E . 24.24 -6.25 -15.32
C08 KUD E . 25.79 -7.27 -12.71
C09 KUD E . 24.29 -7.12 -12.39
C11 KUD E . 26.07 -7.30 -14.22
O15 KUD E . 23.51 -8.12 -12.43
O17 KUD E . 23.83 -5.99 -12.06
C14 KUG F . 27.79 -6.91 -14.50
C12 KUG F . 26.55 -6.24 -16.40
C13 KUG F . 28.00 -6.48 -15.78
C01 KUG F . 21.90 -3.56 -17.04
C02 KUG F . 22.74 -2.33 -16.79
C03 KUG F . 24.05 -2.45 -16.04
C04 KUG F . 24.53 -3.80 -15.54
C05 KUG F . 23.68 -5.02 -15.81
C06 KUG F . 22.36 -4.91 -16.54
C07 KUG F . 24.07 -6.42 -15.34
C08 KUG F . 25.71 -7.54 -12.97
C09 KUG F . 24.34 -7.17 -12.38
C10 KUG F . 25.56 -6.94 -15.29
C11 KUG F . 26.14 -6.64 -14.15
O15 KUG F . 24.06 -5.97 -12.10
O16 KUG F . 23.21 -7.15 -15.00
O17 KUG F . 23.46 -8.06 -12.19
S SO4 G . 24.44 -7.48 -8.06
O1 SO4 G . 25.31 -7.98 -7.00
O2 SO4 G . 23.82 -8.60 -8.77
O3 SO4 G . 23.42 -6.59 -7.50
O4 SO4 G . 25.25 -6.81 -9.07
S SO4 H . 19.23 9.48 -0.86
O1 SO4 H . 19.22 8.06 -0.88
O2 SO4 H . 19.31 10.00 -2.23
O3 SO4 H . 18.11 10.17 -0.25
O4 SO4 H . 20.43 9.57 -0.03
C14 KUD I . 27.01 16.50 -1.09
O16 KUD I . 22.89 16.92 -1.92
C13 KUD I . 26.59 16.28 0.19
C12 KUD I . 25.23 15.49 0.03
C10 KUD I . 24.88 15.59 -1.58
C01 KUD I . 20.14 13.58 -1.09
C02 KUD I . 20.78 12.21 -0.98
C03 KUD I . 22.28 12.04 -1.10
C04 KUD I . 23.11 13.29 -1.34
C05 KUD I . 22.45 14.65 -1.46
C06 KUD I . 20.96 14.83 -1.34
C07 KUD I . 23.34 15.85 -1.69
C08 KUD I . 25.91 16.58 -3.53
C09 KUD I . 24.64 16.39 -4.39
C11 KUD I . 25.59 16.62 -2.02
O15 KUD I . 24.24 15.23 -4.73
O17 KUD I . 23.96 17.39 -4.78
C14 KUG J . 27.02 16.15 -1.12
C12 KUG J . 25.11 15.54 0.13
C13 KUG J . 26.67 15.84 0.15
C01 KUG J . 20.21 13.56 -1.07
C02 KUG J . 20.89 12.21 -0.99
C03 KUG J . 22.39 12.10 -1.15
C04 KUG J . 23.20 13.37 -1.41
C05 KUG J . 22.49 14.71 -1.49
C06 KUG J . 20.99 14.82 -1.32
C07 KUG J . 23.24 16.01 -1.74
C08 KUG J . 25.72 16.80 -3.38
C09 KUG J . 24.62 16.43 -4.41
C10 KUG J . 24.69 16.32 -1.24
C11 KUG J . 25.63 15.93 -2.09
O15 KUG J . 23.96 17.32 -5.02
O16 KUG J . 22.68 16.83 -2.36
O17 KUG J . 24.32 15.23 -4.65
S SO4 K . 21.25 0.45 -17.10
O1 SO4 K . 21.31 -0.10 -15.76
O2 SO4 K . 20.52 -0.45 -18.00
O3 SO4 K . 20.48 1.58 -16.79
O4 SO4 K . 22.55 0.81 -17.64
S SO4 L . 26.30 16.72 -8.37
O1 SO4 L . 26.30 16.39 -6.97
O2 SO4 L . 25.37 15.87 -9.08
O3 SO4 L . 25.92 18.11 -8.56
O4 SO4 L . 27.64 16.50 -8.87
C14 KUD M . -18.25 10.63 10.00
O16 KUD M . -14.84 8.74 9.00
C13 KUD M . -18.04 11.07 8.74
C12 KUD M . -17.70 9.74 7.94
C10 KUD M . -17.25 8.67 9.09
C01 KUD M . -14.60 5.45 6.09
C02 KUD M . -15.92 4.84 5.67
C03 KUD M . -17.25 5.30 6.24
C04 KUD M . -17.18 6.44 7.24
C05 KUD M . -15.84 7.04 7.66
C06 KUD M . -14.53 6.56 7.10
C07 KUD M . -15.85 8.19 8.65
C08 KUD M . -17.59 8.51 11.43
C09 KUD M . -16.49 7.62 12.04
C11 KUD M . -17.17 9.35 10.22
O15 KUD M . -16.54 6.37 11.91
O17 KUD M . -15.52 8.10 12.70
C14 KUG N . -18.73 10.12 9.49
C12 KUG N . -17.23 9.84 7.69
C13 KUG N . -18.51 10.59 8.23
C01 KUG N . -14.82 5.35 6.05
C02 KUG N . -16.24 4.84 5.82
C03 KUG N . -17.43 5.42 6.56
C04 KUG N . -17.16 6.56 7.53
C05 KUG N . -15.74 7.09 7.79
C06 KUG N . -14.57 6.48 7.04
C07 KUG N . -15.45 8.25 8.75
C08 KUG N . -17.17 9.10 11.35
C09 KUG N . -16.57 7.79 11.92
C10 KUG N . -16.49 9.38 9.08
C11 KUG N . -17.49 9.00 9.85
O15 KUG N . -15.51 7.79 12.63
O16 KUG N . -14.37 8.37 9.22
O17 KUG N . -17.15 6.70 11.72
S SO4 O . -17.87 7.46 15.82
O1 SO4 O . -17.44 6.14 16.27
O2 SO4 O . -19.20 7.69 16.33
O3 SO4 O . -17.94 7.53 14.39
O4 SO4 O . -16.95 8.49 16.26
S SO4 P . -23.70 -10.99 14.64
O1 SO4 P . -23.23 -12.36 14.80
O2 SO4 P . -24.34 -10.81 13.35
O3 SO4 P . -24.53 -10.54 15.76
O4 SO4 P . -22.60 -10.06 14.64
C14 KUD Q . -33.66 -11.78 11.24
O16 KUD Q . -29.29 -11.30 10.31
C13 KUD Q . -33.57 -11.94 12.59
C12 KUD Q . -32.01 -11.93 12.91
C10 KUD Q . -31.38 -11.37 11.50
C01 KUD Q . -27.14 -13.56 13.42
C02 KUD Q . -26.61 -12.48 14.36
C03 KUD Q . -27.18 -11.08 14.32
C04 KUD Q . -28.26 -10.77 13.30
C05 KUD Q . -28.79 -11.86 12.39
C06 KUD Q . -28.22 -13.27 12.39
C07 KUD Q . -29.82 -11.52 11.34
C08 KUD Q . -32.04 -11.57 9.17
C09 KUD Q . -30.88 -12.19 8.36
C11 KUD Q . -32.09 -12.08 10.62
O15 KUD Q . -30.76 -13.45 8.22
O17 KUD Q . -30.00 -11.43 7.86
C14 KUG R . -33.68 -11.54 11.28
C12 KUG R . -31.98 -12.19 12.78
C13 KUG R . -33.47 -11.70 12.61
C01 KUG R . -27.11 -13.52 13.44
C02 KUG R . -26.64 -12.38 14.33
C03 KUG R . -27.29 -11.00 14.21
C04 KUG R . -28.40 -10.82 13.18
C05 KUG R . -28.85 -11.98 12.31
C06 KUG R . -28.22 -13.36 12.41
C07 KUG R . -29.95 -11.72 11.28
C08 KUG R . -32.29 -11.92 9.05
C09 KUG R . -30.94 -12.25 8.40
C10 KUG R . -31.38 -12.35 11.26
C11 KUG R . -32.14 -11.53 10.55
O15 KUG R . -30.21 -11.32 7.95
O16 KUG R . -29.65 -10.98 10.42
O17 KUG R . -30.55 -13.46 8.32
S SO4 S . -16.10 2.05 4.26
O1 SO4 S . -16.11 1.98 5.71
O2 SO4 S . -16.81 0.90 3.84
O3 SO4 S . -16.91 3.12 3.68
O4 SO4 S . -14.72 2.11 3.79
S SO4 T . -31.01 -9.93 4.79
O1 SO4 T . -31.69 -9.47 5.98
O2 SO4 T . -31.67 -11.13 4.25
O3 SO4 T . -30.92 -8.94 3.75
O4 SO4 T . -29.63 -10.20 5.14
#